data_7FBA
#
_entry.id   7FBA
#
loop_
_entity.id
_entity.type
_entity.pdbx_description
1 polymer GLU-CYS-ARG-GLU-TYR-GLY-PRO-LE1-LYS-LE1-LE1-ALA-NH2
2 polymer ALA-LE1-CYS-GLU-CYS-GLY-PRO-THR-ARG-GLU-CYS-LYS-NH2
#
loop_
_entity_poly.entity_id
_entity_poly.type
_entity_poly.pdbx_seq_one_letter_code
_entity_poly.pdbx_strand_id
1 'polypeptide(L)' ECREYGP(LE1)K(LE1)(LE1)A(NH2) A
2 'polypeptide(L)' A(LE1)CECGPTRECK(NH2) B
#
loop_
_chem_comp.id
_chem_comp.type
_chem_comp.name
_chem_comp.formula
NH2 non-polymer 'AMINO GROUP' 'H2 N'
#
# COMPACT_ATOMS: atom_id res chain seq x y z
N GLU A 1 11.28 -4.03 -2.28
CA GLU A 1 10.36 -5.18 -2.02
C GLU A 1 9.00 -4.64 -1.59
N CYS A 2 7.94 -5.15 -2.23
CA CYS A 2 6.59 -4.71 -1.92
C CYS A 2 5.73 -5.89 -1.48
N ARG A 3 4.73 -5.61 -0.65
CA ARG A 3 3.83 -6.66 -0.18
C ARG A 3 2.38 -6.23 -0.41
N GLU A 4 1.52 -7.20 -0.73
CA GLU A 4 0.11 -6.90 -0.98
C GLU A 4 -0.79 -7.65 -0.01
N TYR A 5 -1.56 -6.89 0.75
CA TYR A 5 -2.49 -7.48 1.71
C TYR A 5 -3.90 -7.01 1.39
N GLY A 6 -4.73 -7.92 0.91
CA GLY A 6 -6.10 -7.56 0.56
C GLY A 6 -6.11 -6.42 -0.46
N PRO A 7 -6.97 -5.44 -0.29
CA PRO A 7 -7.06 -4.27 -1.24
C PRO A 7 -5.88 -3.30 -1.11
O LE1 A 8 -2.43 -4.34 0.05
C LE1 A 8 -2.65 -3.15 -0.18
CA LE1 A 8 -3.98 -2.51 0.17
N LE1 A 8 -5.10 -3.42 -0.04
CB LE1 A 8 -3.96 -2.03 1.63
C9 LE1 A 8 -3.84 -3.24 2.56
C8 LE1 A 8 -2.75 -1.10 1.84
SG LE1 A 8 -5.49 -1.13 2.00
HA LE1 A 8 -4.13 -1.65 -0.46
H LE1 A 8 -5.29 -4.12 0.63
H9 LE1 A 8 -4.75 -3.81 2.53
H9A LE1 A 8 -3.65 -2.90 3.57
H9B LE1 A 8 -3.01 -3.86 2.24
H8 LE1 A 8 -2.92 -0.51 2.72
H8A LE1 A 8 -2.65 -0.45 0.98
H8B LE1 A 8 -1.87 -1.69 1.96
N LYS A 9 -1.75 -2.33 -0.73
CA LYS A 9 -0.42 -2.80 -1.12
C LYS A 9 0.63 -1.82 -0.63
O LE1 A 10 4.32 -2.81 -0.58
C LE1 A 10 4.02 -1.71 -0.13
CA LE1 A 10 2.70 -1.48 0.59
N LE1 A 10 1.65 -2.33 0.06
CB LE1 A 10 2.90 -1.74 2.09
C9 LE1 A 10 3.32 -3.20 2.30
C8 LE1 A 10 3.97 -0.81 2.64
SG LE1 A 10 1.33 -1.44 2.95
HA LE1 A 10 2.41 -0.45 0.46
H LE1 A 10 1.68 -3.30 0.22
H9 LE1 A 10 2.59 -3.85 1.86
H9A LE1 A 10 3.40 -3.40 3.35
H9B LE1 A 10 4.28 -3.36 1.83
H8 LE1 A 10 3.82 0.18 2.24
H8A LE1 A 10 4.94 -1.17 2.36
H8B LE1 A 10 3.89 -0.77 3.71
O LE1 A 11 7.00 0.96 0.60
C LE1 A 11 7.20 -0.11 0.03
CA LE1 A 11 6.12 -0.72 -0.87
N LE1 A 11 4.82 -0.65 -0.21
CB LE1 A 11 6.09 0.03 -2.20
C9 LE1 A 11 5.14 1.23 -2.08
C8 LE1 A 11 7.49 0.52 -2.54
SG LE1 A 11 5.51 -1.08 -3.50
HA LE1 A 11 6.36 -1.76 -1.06
H LE1 A 11 4.53 0.20 0.18
H9 LE1 A 11 5.17 1.62 -1.08
H9A LE1 A 11 4.14 0.92 -2.33
H9B LE1 A 11 5.45 2.00 -2.78
H8 LE1 A 11 7.72 1.40 -1.95
H8A LE1 A 11 7.55 0.77 -3.59
H8B LE1 A 11 8.21 -0.25 -2.32
N ALA A 12 8.33 -0.80 0.14
CA ALA A 12 9.42 -0.32 0.98
C ALA A 12 10.76 -0.64 0.33
N NH2 A 13 11.59 0.32 0.05
HN1 NH2 A 13 11.35 1.26 0.25
HN2 NH2 A 13 12.46 0.13 -0.36
N ALA B 1 7.77 4.16 4.47
CA ALA B 1 7.06 3.33 3.45
C ALA B 1 5.70 3.96 3.14
O LE1 B 2 3.32 1.97 0.50
C LE1 B 2 2.86 2.89 1.18
CA LE1 B 2 3.76 4.01 1.68
N LE1 B 2 5.06 3.48 2.07
CB LE1 B 2 3.92 5.07 0.59
C9 LE1 B 2 4.93 4.58 -0.44
C8 LE1 B 2 2.57 5.31 -0.09
SG LE1 B 2 4.51 6.63 1.33
HA LE1 B 2 3.29 4.47 2.55
H LE1 B 2 5.47 2.76 1.55
H9 LE1 B 2 5.91 4.49 0.01
H9A LE1 B 2 4.99 5.30 -1.26
H9B LE1 B 2 4.63 3.63 -0.83
H8 LE1 B 2 2.40 4.53 -0.81
H8A LE1 B 2 2.59 6.27 -0.59
H8B LE1 B 2 1.79 5.30 0.65
N CYS B 3 1.58 2.95 1.52
CA CYS B 3 0.63 1.92 1.10
C CYS B 3 -0.49 2.54 0.26
N GLU B 4 -1.00 1.77 -0.70
CA GLU B 4 -2.08 2.25 -1.54
C GLU B 4 -3.32 1.37 -1.39
N CYS B 5 -4.45 1.98 -1.07
CA CYS B 5 -5.70 1.23 -0.93
C CYS B 5 -6.72 1.72 -1.93
N GLY B 6 -7.08 0.87 -2.88
CA GLY B 6 -8.07 1.26 -3.88
C GLY B 6 -7.57 2.50 -4.64
N PRO B 7 -8.45 3.39 -5.03
CA PRO B 7 -8.05 4.62 -5.76
C PRO B 7 -7.28 5.61 -4.85
N THR B 8 -7.42 5.42 -3.55
CA THR B 8 -6.76 6.30 -2.59
C THR B 8 -5.43 5.69 -2.13
N ARG B 9 -4.61 6.51 -1.48
CA ARG B 9 -3.32 6.04 -0.99
C ARG B 9 -2.92 6.79 0.28
N GLU B 10 -2.18 6.12 1.15
CA GLU B 10 -1.74 6.72 2.41
C GLU B 10 -0.33 6.25 2.78
N CYS B 11 0.37 7.07 3.54
CA CYS B 11 1.73 6.73 3.98
C CYS B 11 1.81 6.64 5.50
N LYS B 12 2.71 5.82 6.00
CA LYS B 12 2.91 5.65 7.44
C LYS B 12 1.69 4.97 8.04
N NH2 B 13 1.87 4.04 8.96
HN1 NH2 B 13 2.78 3.80 9.24
HN2 NH2 B 13 1.09 3.59 9.36
N GLU A 1 11.27 -4.05 -2.23
CA GLU A 1 10.37 -5.20 -1.99
C GLU A 1 9.00 -4.68 -1.58
N CYS A 2 7.96 -5.15 -2.27
CA CYS A 2 6.60 -4.73 -1.97
C CYS A 2 5.73 -5.91 -1.58
N ARG A 3 4.75 -5.67 -0.72
CA ARG A 3 3.84 -6.72 -0.28
C ARG A 3 2.39 -6.27 -0.44
N GLU A 4 1.51 -7.20 -0.80
CA GLU A 4 0.11 -6.86 -1.00
C GLU A 4 -0.78 -7.60 -0.02
N TYR A 5 -1.53 -6.85 0.77
CA TYR A 5 -2.45 -7.43 1.74
C TYR A 5 -3.87 -6.99 1.42
N GLY A 6 -4.70 -7.90 0.93
CA GLY A 6 -6.07 -7.55 0.59
C GLY A 6 -6.09 -6.40 -0.43
N PRO A 7 -6.96 -5.42 -0.27
CA PRO A 7 -7.05 -4.27 -1.21
C PRO A 7 -5.88 -3.29 -1.10
O LE1 A 8 -2.42 -4.31 0.06
C LE1 A 8 -2.65 -3.13 -0.17
CA LE1 A 8 -3.99 -2.48 0.17
N LE1 A 8 -5.10 -3.41 -0.02
CB LE1 A 8 -3.96 -2.00 1.62
C9 LE1 A 8 -3.82 -3.20 2.56
C8 LE1 A 8 -2.77 -1.06 1.82
SG LE1 A 8 -5.49 -1.12 1.99
HA LE1 A 8 -4.13 -1.63 -0.46
H LE1 A 8 -5.28 -4.10 0.63
H9 LE1 A 8 -2.99 -3.82 2.25
H9A LE1 A 8 -4.73 -3.78 2.54
H9B LE1 A 8 -3.64 -2.85 3.57
H8 LE1 A 8 -1.86 -1.64 1.90
H8A LE1 A 8 -2.91 -0.49 2.73
H8B LE1 A 8 -2.69 -0.38 0.98
N LYS A 9 -1.75 -2.31 -0.73
CA LYS A 9 -0.42 -2.78 -1.11
C LYS A 9 0.63 -1.80 -0.60
O LE1 A 10 4.33 -2.82 -0.50
C LE1 A 10 4.03 -1.70 -0.08
CA LE1 A 10 2.70 -1.46 0.62
N LE1 A 10 1.65 -2.32 0.08
CB LE1 A 10 2.86 -1.73 2.12
C9 LE1 A 10 3.28 -3.18 2.34
C8 LE1 A 10 3.94 -0.79 2.68
SG LE1 A 10 1.30 -1.40 2.96
HA LE1 A 10 2.41 -0.44 0.48
H LE1 A 10 1.69 -3.28 0.24
H9 LE1 A 10 3.17 -3.73 1.42
H9A LE1 A 10 2.65 -3.62 3.11
H9B LE1 A 10 4.31 -3.21 2.67
H8 LE1 A 10 3.78 -0.66 3.74
H8A LE1 A 10 3.89 0.17 2.19
H8B LE1 A 10 4.92 -1.22 2.51
O LE1 A 11 7.00 0.91 0.68
C LE1 A 11 7.20 -0.14 0.07
CA LE1 A 11 6.12 -0.73 -0.84
N LE1 A 11 4.81 -0.64 -0.20
CB LE1 A 11 6.11 0.04 -2.16
C9 LE1 A 11 5.17 1.24 -2.05
C8 LE1 A 11 7.52 0.52 -2.48
SG LE1 A 11 5.54 -1.06 -3.48
HA LE1 A 11 6.36 -1.76 -1.03
H LE1 A 11 4.52 0.22 0.17
H9 LE1 A 11 5.20 1.62 -1.04
H9A LE1 A 11 4.16 0.93 -2.29
H9B LE1 A 11 5.48 2.01 -2.74
H8 LE1 A 11 8.23 -0.27 -2.27
H8A LE1 A 11 7.76 1.38 -1.89
H8B LE1 A 11 7.59 0.78 -3.53
N ALA A 12 8.33 -0.82 0.16
CA ALA A 12 9.43 -0.37 1.01
C ALA A 12 10.77 -0.69 0.37
N NH2 A 13 11.57 0.29 0.02
HN1 NH2 A 13 11.31 1.22 0.17
HN2 NH2 A 13 12.44 0.08 -0.39
N ALA B 1 7.88 4.28 4.22
CA ALA B 1 7.05 3.32 3.45
C ALA B 1 5.69 3.95 3.14
O LE1 B 2 3.33 1.97 0.51
C LE1 B 2 2.86 2.89 1.17
CA LE1 B 2 3.76 4.02 1.67
N LE1 B 2 5.06 3.49 2.07
CB LE1 B 2 3.93 5.08 0.58
C9 LE1 B 2 4.95 4.59 -0.45
C8 LE1 B 2 2.58 5.31 -0.10
SG LE1 B 2 4.50 6.63 1.32
HA LE1 B 2 3.29 4.48 2.54
H LE1 B 2 5.47 2.78 1.53
H9 LE1 B 2 5.00 5.30 -1.26
H9A LE1 B 2 4.65 3.63 -0.84
H9B LE1 B 2 5.92 4.50 0.02
H8 LE1 B 2 1.80 5.29 0.63
H8A LE1 B 2 2.42 4.55 -0.84
H8B LE1 B 2 2.59 6.28 -0.59
N CYS B 3 1.57 2.97 1.50
CA CYS B 3 0.62 1.94 1.08
C CYS B 3 -0.49 2.56 0.23
N GLU B 4 -1.02 1.78 -0.71
CA GLU B 4 -2.09 2.26 -1.56
C GLU B 4 -3.33 1.37 -1.41
N CYS B 5 -4.47 1.99 -1.08
CA CYS B 5 -5.70 1.23 -0.93
C CYS B 5 -6.73 1.72 -1.94
N GLY B 6 -7.10 0.86 -2.88
CA GLY B 6 -8.07 1.25 -3.89
C GLY B 6 -7.58 2.48 -4.65
N PRO B 7 -8.46 3.38 -5.05
CA PRO B 7 -8.05 4.61 -5.78
C PRO B 7 -7.29 5.59 -4.89
N THR B 8 -7.43 5.42 -3.57
CA THR B 8 -6.76 6.30 -2.62
C THR B 8 -5.45 5.68 -2.14
N ARG B 9 -4.63 6.49 -1.48
CA ARG B 9 -3.35 6.01 -0.96
C ARG B 9 -2.96 6.77 0.31
N GLU B 10 -2.19 6.11 1.17
CA GLU B 10 -1.75 6.73 2.42
C GLU B 10 -0.35 6.25 2.78
N CYS B 11 0.36 7.07 3.57
CA CYS B 11 1.72 6.72 3.99
C CYS B 11 1.80 6.63 5.51
N LYS B 12 2.70 5.80 6.00
CA LYS B 12 2.89 5.63 7.45
C LYS B 12 1.68 4.94 8.06
N NH2 B 13 1.85 4.02 8.96
HN1 NH2 B 13 2.76 3.77 9.24
HN2 NH2 B 13 1.07 3.57 9.36
N GLU A 1 11.27 -4.13 -2.28
CA GLU A 1 10.37 -5.27 -1.98
C GLU A 1 9.01 -4.73 -1.55
N CYS A 2 7.95 -5.20 -2.20
CA CYS A 2 6.60 -4.76 -1.88
C CYS A 2 5.74 -5.94 -1.45
N ARG A 3 4.78 -5.68 -0.56
CA ARG A 3 3.89 -6.72 -0.09
C ARG A 3 2.44 -6.28 -0.28
N GLU A 4 1.59 -7.22 -0.67
CA GLU A 4 0.18 -6.91 -0.90
C GLU A 4 -0.73 -7.65 0.08
N TYR A 5 -1.50 -6.88 0.84
CA TYR A 5 -2.43 -7.46 1.79
C TYR A 5 -3.84 -7.02 1.45
N GLY A 6 -4.65 -7.95 0.96
CA GLY A 6 -6.02 -7.62 0.59
C GLY A 6 -6.04 -6.48 -0.45
N PRO A 7 -6.91 -5.51 -0.32
CA PRO A 7 -7.00 -4.37 -1.29
C PRO A 7 -5.83 -3.38 -1.19
O LE1 A 8 -2.33 -4.31 -0.08
C LE1 A 8 -2.60 -3.13 -0.32
CA LE1 A 8 -3.95 -2.52 0.06
N LE1 A 8 -5.05 -3.46 -0.11
CB LE1 A 8 -3.91 -2.03 1.51
C9 LE1 A 8 -3.74 -3.23 2.46
C8 LE1 A 8 -2.74 -1.08 1.69
SG LE1 A 8 -5.45 -1.18 1.89
HA LE1 A 8 -4.13 -1.67 -0.58
H LE1 A 8 -5.23 -4.13 0.57
H9 LE1 A 8 -2.95 -3.86 2.10
H9A LE1 A 8 -4.67 -3.79 2.51
H9B LE1 A 8 -3.49 -2.87 3.45
H8 LE1 A 8 -1.81 -1.64 1.76
H8A LE1 A 8 -2.88 -0.50 2.60
H8B LE1 A 8 -2.68 -0.40 0.84
N LYS A 9 -1.76 -2.29 -0.92
CA LYS A 9 -0.42 -2.71 -1.34
C LYS A 9 0.61 -1.75 -0.76
O LE1 A 10 4.30 -2.82 -0.59
C LE1 A 10 4.00 -1.71 -0.15
CA LE1 A 10 2.66 -1.48 0.52
N LE1 A 10 1.61 -2.31 -0.07
CB LE1 A 10 2.78 -1.78 2.01
C9 LE1 A 10 3.14 -3.25 2.21
C8 LE1 A 10 3.89 -0.91 2.62
SG LE1 A 10 1.21 -1.42 2.84
HA LE1 A 10 2.38 -0.43 0.41
H LE1 A 10 1.65 -3.27 0.03
H9 LE1 A 10 3.30 -3.45 3.26
H9A LE1 A 10 4.04 -3.48 1.65
H9B LE1 A 10 2.33 -3.87 1.84
H8 LE1 A 10 3.95 0.02 2.07
H8A LE1 A 10 4.83 -1.44 2.56
H8B LE1 A 10 3.65 -0.69 3.65
O LE1 A 11 6.98 0.96 0.62
C LE1 A 11 7.17 -0.13 0.07
CA LE1 A 11 6.12 -0.74 -0.85
N LE1 A 11 4.80 -0.65 -0.23
CB LE1 A 11 6.12 0.00 -2.19
C9 LE1 A 11 5.20 1.21 -2.11
C8 LE1 A 11 7.54 0.46 -2.53
SG LE1 A 11 5.53 -1.12 -3.49
HA LE1 A 11 6.36 -1.78 -1.02
H LE1 A 11 4.50 0.21 0.14
H9 LE1 A 11 4.20 0.92 -2.38
H9A LE1 A 11 5.55 1.98 -2.79
H9B LE1 A 11 5.20 1.60 -1.10
H8 LE1 A 11 8.24 -0.34 -2.29
H8A LE1 A 11 7.78 1.32 -1.93
H8B LE1 A 11 7.61 0.70 -3.57
N ALA A 12 8.29 -0.83 0.23
CA ALA A 12 9.36 -0.34 1.08
C ALA A 12 10.72 -0.70 0.48
N NH2 A 13 11.45 0.26 -0.05
HN1 NH2 A 13 11.12 1.18 -0.06
HN2 NH2 A 13 12.33 0.05 -0.44
N ALA B 1 7.85 4.34 4.15
CA ALA B 1 7.01 3.37 3.41
C ALA B 1 5.68 4.02 3.05
O LE1 B 2 3.30 2.00 0.39
C LE1 B 2 2.84 2.92 1.08
CA LE1 B 2 3.74 4.04 1.59
N LE1 B 2 5.02 3.50 2.02
CB LE1 B 2 3.95 5.08 0.49
C9 LE1 B 2 5.01 4.58 -0.50
C8 LE1 B 2 2.63 5.32 -0.25
SG LE1 B 2 4.51 6.64 1.23
HA LE1 B 2 3.26 4.51 2.43
H LE1 B 2 5.42 2.73 1.55
H9 LE1 B 2 5.95 4.49 0.00
H9A LE1 B 2 5.09 5.28 -1.32
H9B LE1 B 2 4.70 3.62 -0.89
H8 LE1 B 2 1.82 5.25 0.45
H8A LE1 B 2 2.51 4.57 -1.01
H8B LE1 B 2 2.64 6.30 -0.69
N CYS B 3 1.56 2.99 1.43
CA CYS B 3 0.62 1.96 1.00
C CYS B 3 -0.51 2.58 0.17
N GLU B 4 -1.06 1.79 -0.75
CA GLU B 4 -2.13 2.27 -1.60
C GLU B 4 -3.37 1.38 -1.46
N CYS B 5 -4.50 1.98 -1.13
CA CYS B 5 -5.73 1.23 -0.98
C CYS B 5 -6.78 1.76 -1.95
N GLY B 6 -7.18 0.92 -2.91
CA GLY B 6 -8.17 1.34 -3.89
C GLY B 6 -7.67 2.58 -4.63
N PRO B 7 -8.54 3.50 -4.99
CA PRO B 7 -8.12 4.74 -5.71
C PRO B 7 -7.34 5.70 -4.81
N THR B 8 -7.46 5.50 -3.50
CA THR B 8 -6.76 6.35 -2.54
C THR B 8 -5.46 5.72 -2.07
N ARG B 9 -4.62 6.52 -1.40
CA ARG B 9 -3.35 6.02 -0.89
C ARG B 9 -2.95 6.76 0.38
N GLU B 10 -2.16 6.10 1.23
CA GLU B 10 -1.72 6.71 2.48
C GLU B 10 -0.31 6.25 2.82
N CYS B 11 0.42 7.09 3.56
CA CYS B 11 1.78 6.76 3.96
C CYS B 11 1.91 6.71 5.48
N LYS B 12 2.82 5.87 5.96
CA LYS B 12 3.03 5.73 7.40
C LYS B 12 4.50 5.44 7.70
N NH2 B 13 5.09 6.07 8.68
HN1 NH2 B 13 4.58 6.72 9.22
HN2 NH2 B 13 6.02 5.89 8.89
N GLU A 1 10.96 -3.90 -2.76
CA GLU A 1 10.29 -4.90 -1.89
C GLU A 1 8.87 -4.44 -1.60
N CYS A 2 7.90 -5.14 -2.18
CA CYS A 2 6.50 -4.79 -1.97
C CYS A 2 5.69 -5.99 -1.49
N ARG A 3 4.68 -5.70 -0.68
CA ARG A 3 3.80 -6.75 -0.16
C ARG A 3 2.35 -6.33 -0.39
N GLU A 4 1.49 -7.29 -0.70
CA GLU A 4 0.09 -6.99 -0.95
C GLU A 4 -0.82 -7.74 0.01
N TYR A 5 -1.60 -6.99 0.78
CA TYR A 5 -2.54 -7.59 1.71
C TYR A 5 -3.94 -7.08 1.39
N GLY A 6 -4.78 -7.95 0.87
CA GLY A 6 -6.13 -7.53 0.51
C GLY A 6 -6.07 -6.35 -0.47
N PRO A 7 -6.89 -5.33 -0.29
CA PRO A 7 -6.89 -4.14 -1.19
C PRO A 7 -5.69 -3.22 -0.97
O LE1 A 8 -2.22 -4.28 0.26
C LE1 A 8 -2.51 -3.12 -0.05
CA LE1 A 8 -3.82 -2.50 0.40
N LE1 A 8 -4.97 -3.38 0.13
CB LE1 A 8 -3.71 -2.13 1.90
C9 LE1 A 8 -3.98 -3.35 2.78
C8 LE1 A 8 -2.29 -1.65 2.16
SG LE1 A 8 -4.88 -0.80 2.33
HA LE1 A 8 -3.97 -1.59 -0.15
H LE1 A 8 -5.21 -4.08 0.77
H9 LE1 A 8 -3.91 -3.06 3.81
H9A LE1 A 8 -3.26 -4.12 2.57
H9B LE1 A 8 -4.98 -3.73 2.58
H8 LE1 A 8 -1.64 -2.49 2.29
H8A LE1 A 8 -2.28 -1.05 3.06
H8B LE1 A 8 -1.95 -1.04 1.33
N LYS A 9 -1.72 -2.32 -0.76
CA LYS A 9 -0.41 -2.76 -1.24
C LYS A 9 0.67 -1.84 -0.70
O LE1 A 10 4.40 -2.92 -0.49
C LE1 A 10 4.02 -1.79 -0.17
CA LE1 A 10 2.71 -1.57 0.57
N LE1 A 10 1.65 -2.39 0.00
CB LE1 A 10 2.90 -1.92 2.05
C9 LE1 A 10 3.27 -3.40 2.20
C8 LE1 A 10 4.02 -1.05 2.63
SG LE1 A 10 1.35 -1.59 2.94
HA LE1 A 10 2.43 -0.54 0.49
H LE1 A 10 1.64 -3.36 0.15
H9 LE1 A 10 2.59 -3.87 2.89
H9A LE1 A 10 4.28 -3.48 2.57
H9B LE1 A 10 3.19 -3.88 1.24
H8 LE1 A 10 4.04 -0.11 2.12
H8A LE1 A 10 4.96 -1.56 2.51
H8B LE1 A 10 3.83 -0.89 3.69
O LE1 A 11 6.84 1.05 0.17
C LE1 A 11 7.07 -0.05 -0.34
CA LE1 A 11 6.00 -0.77 -1.15
N LE1 A 11 4.73 -0.70 -0.44
CB LE1 A 11 5.88 -0.13 -2.53
C9 LE1 A 11 4.92 1.05 -2.48
C8 LE1 A 11 7.26 0.36 -2.98
SG LE1 A 11 5.27 -1.35 -3.71
HA LE1 A 11 6.28 -1.81 -1.25
H LE1 A 11 4.38 0.17 -0.16
H9 LE1 A 11 3.91 0.70 -2.67
H9A LE1 A 11 5.19 1.78 -3.21
H9B LE1 A 11 4.94 1.50 -1.49
H8 LE1 A 11 7.25 0.54 -4.04
H8A LE1 A 11 8.00 -0.39 -2.74
H8B LE1 A 11 7.50 1.28 -2.45
N ALA A 12 8.24 -0.67 -0.22
CA ALA A 12 9.34 -0.08 0.53
C ALA A 12 8.91 0.23 1.96
N NH2 A 13 8.13 -0.61 2.59
HN1 NH2 A 13 7.84 -1.44 2.15
HN2 NH2 A 13 7.85 -0.42 3.51
N ALA B 1 7.44 3.86 4.96
CA ALA B 1 6.95 3.18 3.73
C ALA B 1 5.65 3.83 3.27
O LE1 B 2 3.35 1.78 0.54
C LE1 B 2 2.91 2.72 1.20
CA LE1 B 2 3.83 3.85 1.65
N LE1 B 2 5.08 3.30 2.19
CB LE1 B 2 4.13 4.77 0.47
C9 LE1 B 2 5.27 4.19 -0.36
C8 LE1 B 2 2.88 4.89 -0.40
SG LE1 B 2 4.61 6.41 1.08
HA LE1 B 2 3.34 4.41 2.43
H LE1 B 2 5.50 2.53 1.75
H9 LE1 B 2 5.31 3.11 -0.22
H9A LE1 B 2 6.21 4.62 -0.04
H9B LE1 B 2 5.11 4.40 -1.41
H8 LE1 B 2 2.01 5.03 0.23
H8A LE1 B 2 2.76 4.00 -0.99
H8B LE1 B 2 2.98 5.74 -1.06
N CYS B 3 1.64 2.82 1.56
CA CYS B 3 0.67 1.80 1.18
C CYS B 3 -0.46 2.41 0.36
N GLU B 4 -1.01 1.64 -0.57
CA GLU B 4 -2.10 2.13 -1.41
C GLU B 4 -3.30 1.18 -1.39
N CYS B 5 -4.48 1.73 -1.16
CA CYS B 5 -5.71 0.94 -1.15
C CYS B 5 -6.71 1.53 -2.11
N GLY B 6 -7.02 0.78 -3.16
CA GLY B 6 -7.97 1.26 -4.15
C GLY B 6 -7.46 2.56 -4.78
N PRO B 7 -8.32 3.47 -5.13
CA PRO B 7 -7.90 4.77 -5.75
C PRO B 7 -7.18 5.68 -4.76
N THR B 8 -7.34 5.39 -3.46
CA THR B 8 -6.70 6.20 -2.42
C THR B 8 -5.34 5.63 -2.03
N ARG B 9 -4.56 6.45 -1.33
CA ARG B 9 -3.24 6.02 -0.87
C ARG B 9 -2.87 6.74 0.42
N GLU B 10 -2.01 6.09 1.23
CA GLU B 10 -1.59 6.69 2.49
C GLU B 10 -0.14 6.31 2.82
N CYS B 11 0.55 7.23 3.49
CA CYS B 11 1.94 6.99 3.87
C CYS B 11 2.13 7.26 5.36
N LYS B 12 3.12 6.59 5.95
CA LYS B 12 3.39 6.76 7.37
C LYS B 12 4.90 6.77 7.63
N NH2 B 13 5.41 7.74 8.34
HN1 NH2 B 13 4.84 8.44 8.71
HN2 NH2 B 13 6.39 7.76 8.50
N GLU A 1 11.24 -4.00 -2.34
CA GLU A 1 10.35 -5.13 -2.00
C GLU A 1 8.98 -4.61 -1.58
N CYS A 2 7.94 -5.13 -2.22
CA CYS A 2 6.58 -4.70 -1.90
C CYS A 2 5.72 -5.88 -1.44
N ARG A 3 4.74 -5.59 -0.60
CA ARG A 3 3.85 -6.63 -0.10
C ARG A 3 2.40 -6.23 -0.34
N GLU A 4 1.55 -7.20 -0.67
CA GLU A 4 0.14 -6.90 -0.92
C GLU A 4 -0.76 -7.66 0.04
N TYR A 5 -1.55 -6.90 0.79
CA TYR A 5 -2.50 -7.49 1.73
C TYR A 5 -3.91 -7.03 1.39
N GLY A 6 -4.72 -7.95 0.90
CA GLY A 6 -6.09 -7.59 0.53
C GLY A 6 -6.09 -6.45 -0.49
N PRO A 7 -6.96 -5.47 -0.35
CA PRO A 7 -7.03 -4.32 -1.30
C PRO A 7 -5.87 -3.34 -1.15
O LE1 A 8 -2.43 -4.36 0.08
C LE1 A 8 -2.65 -3.18 -0.17
CA LE1 A 8 -4.00 -2.53 0.15
N LE1 A 8 -5.11 -3.45 -0.07
CB LE1 A 8 -4.00 -2.05 1.60
C9 LE1 A 8 -3.89 -3.25 2.54
C8 LE1 A 8 -2.82 -1.12 1.83
SG LE1 A 8 -5.54 -1.17 1.93
HA LE1 A 8 -4.13 -1.68 -0.49
H LE1 A 8 -5.31 -4.14 0.59
H9 LE1 A 8 -3.05 -3.86 2.25
H9A LE1 A 8 -4.80 -3.82 2.50
H9B LE1 A 8 -3.73 -2.90 3.55
H8 LE1 A 8 -2.72 -0.44 0.99
H8A LE1 A 8 -1.91 -1.70 1.93
H8B LE1 A 8 -2.98 -0.54 2.73
N LYS A 9 -1.74 -2.36 -0.72
CA LYS A 9 -0.41 -2.84 -1.07
C LYS A 9 0.63 -1.83 -0.60
O LE1 A 10 4.34 -2.78 -0.51
C LE1 A 10 4.02 -1.67 -0.12
CA LE1 A 10 2.70 -1.44 0.61
N LE1 A 10 1.66 -2.32 0.11
CB LE1 A 10 2.90 -1.67 2.11
C9 LE1 A 10 3.43 -3.08 2.35
C8 LE1 A 10 3.91 -0.64 2.64
SG LE1 A 10 1.32 -1.46 2.97
HA LE1 A 10 2.40 -0.41 0.46
H LE1 A 10 1.70 -3.27 0.29
H9 LE1 A 10 3.08 -3.44 3.30
H9A LE1 A 10 4.52 -3.06 2.36
H9B LE1 A 10 3.10 -3.73 1.56
H8 LE1 A 10 4.91 -0.97 2.40
H8A LE1 A 10 3.81 -0.57 3.72
H8B LE1 A 10 3.72 0.32 2.19
O LE1 A 11 7.01 1.12 0.34
C LE1 A 11 7.15 -0.02 -0.09
CA LE1 A 11 6.08 -0.67 -0.95
N LE1 A 11 4.78 -0.59 -0.28
CB LE1 A 11 6.01 0.03 -2.30
C9 LE1 A 11 5.06 1.23 -2.22
C8 LE1 A 11 7.41 0.53 -2.69
SG LE1 A 11 5.43 -1.13 -3.56
HA LE1 A 11 6.33 -1.72 -1.10
H LE1 A 11 4.47 0.27 0.07
H9 LE1 A 11 4.06 0.89 -2.43
H9A LE1 A 11 5.35 1.97 -2.94
H9B LE1 A 11 5.10 1.65 -1.23
H8 LE1 A 11 7.44 0.74 -3.74
H8A LE1 A 11 8.13 -0.24 -2.45
H8B LE1 A 11 7.65 1.42 -2.13
N ALA A 12 8.23 -0.75 0.16
CA ALA A 12 9.32 -0.24 0.98
C ALA A 12 10.67 -0.55 0.34
N NH2 A 13 11.43 0.42 -0.07
HN1 NH2 A 13 11.13 1.35 0.02
HN2 NH2 A 13 12.29 0.23 -0.49
N ALA B 1 7.52 3.65 4.63
CA ALA B 1 6.83 2.87 3.57
C ALA B 1 5.46 3.46 3.32
O LE1 B 2 3.25 1.87 0.52
C LE1 B 2 2.80 2.80 1.20
CA LE1 B 2 3.70 3.92 1.69
N LE1 B 2 5.00 3.38 2.06
CB LE1 B 2 3.85 4.97 0.59
C9 LE1 B 2 4.42 4.31 -0.67
C8 LE1 B 2 2.48 5.55 0.27
SG LE1 B 2 4.97 6.28 1.14
HA LE1 B 2 3.25 4.38 2.55
H LE1 B 2 5.57 2.95 1.38
H9 LE1 B 2 4.57 5.06 -1.43
H9A LE1 B 2 3.74 3.56 -1.03
H9B LE1 B 2 5.37 3.84 -0.43
H8 LE1 B 2 2.60 6.51 -0.22
H8A LE1 B 2 1.92 5.69 1.18
H8B LE1 B 2 1.94 4.88 -0.39
N CYS B 3 1.52 2.87 1.56
CA CYS B 3 0.56 1.86 1.14
C CYS B 3 -0.54 2.49 0.30
N GLU B 4 -1.03 1.74 -0.68
CA GLU B 4 -2.10 2.22 -1.55
C GLU B 4 -3.34 1.35 -1.43
N CYS B 5 -4.47 1.97 -1.11
CA CYS B 5 -5.72 1.22 -0.99
C CYS B 5 -6.74 1.74 -1.99
N GLY B 6 -7.11 0.91 -2.95
CA GLY B 6 -8.08 1.31 -3.96
C GLY B 6 -7.57 2.56 -4.69
N PRO B 7 -8.44 3.48 -5.06
CA PRO B 7 -8.03 4.73 -5.76
C PRO B 7 -7.25 5.67 -4.85
N THR B 8 -7.39 5.48 -3.54
CA THR B 8 -6.71 6.33 -2.58
C THR B 8 -5.42 5.67 -2.08
N ARG B 9 -4.58 6.46 -1.41
CA ARG B 9 -3.33 5.94 -0.89
C ARG B 9 -2.89 6.72 0.35
N GLU B 10 -2.17 6.05 1.24
CA GLU B 10 -1.69 6.69 2.46
C GLU B 10 -0.30 6.17 2.83
N CYS B 11 0.51 7.03 3.44
CA CYS B 11 1.86 6.65 3.84
C CYS B 11 2.06 6.94 5.32
N LYS B 12 3.14 6.40 5.88
CA LYS B 12 3.44 6.61 7.29
C LYS B 12 4.95 6.54 7.53
N NH2 B 13 5.50 7.38 8.35
HN1 NH2 B 13 4.95 8.06 8.81
HN2 NH2 B 13 6.47 7.35 8.51
N GLU A 1 10.27 -5.41 -3.59
CA GLU A 1 10.30 -4.87 -2.20
C GLU A 1 8.90 -4.40 -1.81
N CYS A 2 7.89 -5.03 -2.40
CA CYS A 2 6.51 -4.69 -2.12
C CYS A 2 5.72 -5.90 -1.67
N ARG A 3 4.74 -5.66 -0.79
CA ARG A 3 3.88 -6.72 -0.30
C ARG A 3 2.42 -6.29 -0.43
N GLU A 4 1.56 -7.22 -0.83
CA GLU A 4 0.15 -6.90 -1.01
C GLU A 4 -0.72 -7.65 -0.02
N TYR A 5 -1.49 -6.90 0.77
CA TYR A 5 -2.39 -7.48 1.74
C TYR A 5 -3.81 -7.04 1.43
N GLY A 6 -4.62 -7.97 0.94
CA GLY A 6 -6.00 -7.64 0.61
C GLY A 6 -6.03 -6.49 -0.42
N PRO A 7 -6.92 -5.52 -0.27
CA PRO A 7 -7.03 -4.37 -1.22
C PRO A 7 -5.87 -3.37 -1.11
O LE1 A 8 -2.40 -4.34 0.03
C LE1 A 8 -2.64 -3.16 -0.19
CA LE1 A 8 -3.98 -2.54 0.17
N LE1 A 8 -5.08 -3.48 -0.04
CB LE1 A 8 -3.97 -2.06 1.62
C9 LE1 A 8 -3.79 -3.25 2.56
C8 LE1 A 8 -2.81 -1.07 1.82
SG LE1 A 8 -5.54 -1.23 1.99
HA LE1 A 8 -4.15 -1.68 -0.46
H LE1 A 8 -5.25 -4.18 0.63
H9 LE1 A 8 -3.60 -2.90 3.56
H9A LE1 A 8 -2.97 -3.86 2.22
H9B LE1 A 8 -4.69 -3.85 2.56
H8 LE1 A 8 -1.88 -1.62 1.85
H8A LE1 A 8 -2.96 -0.55 2.75
H8B LE1 A 8 -2.80 -0.38 1.00
N LYS A 9 -1.75 -2.33 -0.74
CA LYS A 9 -0.42 -2.77 -1.13
C LYS A 9 0.63 -1.81 -0.56
O LE1 A 10 4.40 -2.87 -0.35
C LE1 A 10 4.01 -1.74 -0.03
CA LE1 A 10 2.69 -1.54 0.70
N LE1 A 10 1.63 -2.36 0.11
CB LE1 A 10 2.85 -1.88 2.17
C9 LE1 A 10 3.25 -3.35 2.32
C8 LE1 A 10 3.94 -0.99 2.78
SG LE1 A 10 1.28 -1.59 3.04
HA LE1 A 10 2.39 -0.51 0.62
H LE1 A 10 1.67 -3.34 0.21
H9 LE1 A 10 4.27 -3.41 2.70
H9A LE1 A 10 3.19 -3.83 1.36
H9B LE1 A 10 2.59 -3.84 3.02
H8 LE1 A 10 3.87 -1.02 3.86
H8A LE1 A 10 3.81 0.03 2.45
H8B LE1 A 10 4.91 -1.35 2.48
O LE1 A 11 6.82 1.03 0.48
C LE1 A 11 7.07 0.00 -0.14
CA LE1 A 11 5.99 -0.69 -0.97
N LE1 A 11 4.70 -0.63 -0.28
CB LE1 A 11 5.89 -0.01 -2.34
C9 LE1 A 11 5.01 1.22 -2.25
C8 LE1 A 11 7.30 0.39 -2.79
SG LE1 A 11 5.20 -1.17 -3.54
HA LE1 A 11 6.27 -1.73 -1.11
H LE1 A 11 4.35 0.24 0.00
H9 LE1 A 11 3.99 0.97 -2.54
H9A LE1 A 11 5.38 1.99 -2.91
H9B LE1 A 11 5.00 1.59 -1.23
H8 LE1 A 11 7.60 1.29 -2.27
H8A LE1 A 11 7.28 0.60 -3.85
H8B LE1 A 11 7.99 -0.40 -2.59
N ALA A 12 8.26 -0.57 -0.16
CA ALA A 12 9.39 -0.01 0.58
C ALA A 12 9.07 0.09 2.07
N NH2 A 13 9.00 1.26 2.66
HN1 NH2 A 13 9.14 2.08 2.16
HN2 NH2 A 13 8.82 1.31 3.63
N ALA B 1 7.12 3.54 5.44
CA ALA B 1 6.70 2.96 4.13
C ALA B 1 5.43 3.65 3.66
O LE1 B 2 3.29 1.87 0.68
C LE1 B 2 2.85 2.77 1.39
CA LE1 B 2 3.77 3.87 1.90
N LE1 B 2 4.98 3.29 2.46
CB LE1 B 2 4.11 4.82 0.75
C9 LE1 B 2 5.27 4.26 -0.06
C8 LE1 B 2 2.88 4.99 -0.15
SG LE1 B 2 4.59 6.44 1.42
HA LE1 B 2 3.26 4.42 2.68
H LE1 B 2 5.48 2.63 1.94
H9 LE1 B 2 6.19 4.69 0.28
H9A LE1 B 2 5.13 4.49 -1.11
H9B LE1 B 2 5.31 3.18 0.06
H8 LE1 B 2 1.98 5.02 0.46
H8A LE1 B 2 2.81 4.16 -0.83
H8B LE1 B 2 2.96 5.90 -0.71
N CYS B 3 1.58 2.84 1.76
CA CYS B 3 0.61 1.83 1.33
C CYS B 3 -0.50 2.46 0.52
N GLU B 4 -0.99 1.73 -0.48
CA GLU B 4 -2.06 2.24 -1.32
C GLU B 4 -3.28 1.34 -1.25
N CYS B 5 -4.43 1.93 -0.95
CA CYS B 5 -5.66 1.17 -0.87
C CYS B 5 -6.64 1.66 -1.92
N GLY B 6 -7.00 0.78 -2.86
CA GLY B 6 -7.92 1.17 -3.91
C GLY B 6 -7.36 2.37 -4.68
N PRO B 7 -8.19 3.27 -5.15
CA PRO B 7 -7.72 4.47 -5.89
C PRO B 7 -7.00 5.48 -4.99
N THR B 8 -7.19 5.34 -3.67
CA THR B 8 -6.57 6.25 -2.72
C THR B 8 -5.23 5.69 -2.23
N ARG B 9 -4.46 6.54 -1.56
CA ARG B 9 -3.16 6.13 -1.04
C ARG B 9 -2.84 6.89 0.24
N GLU B 10 -2.07 6.26 1.13
CA GLU B 10 -1.70 6.88 2.40
C GLU B 10 -0.30 6.46 2.83
N CYS B 11 0.39 7.34 3.54
CA CYS B 11 1.73 7.04 4.02
C CYS B 11 1.82 7.27 5.54
N LYS B 12 2.73 6.55 6.18
CA LYS B 12 2.92 6.67 7.63
C LYS B 12 1.69 6.13 8.37
N NH2 B 13 1.86 5.41 9.44
HN1 NH2 B 13 2.76 5.21 9.77
HN2 NH2 B 13 1.07 5.05 9.91
N GLU A 1 11.28 -4.12 -2.16
CA GLU A 1 10.36 -5.26 -1.87
C GLU A 1 8.99 -4.71 -1.48
N CYS A 2 7.94 -5.23 -2.12
CA CYS A 2 6.59 -4.78 -1.84
C CYS A 2 5.71 -5.95 -1.38
N ARG A 3 4.72 -5.65 -0.55
CA ARG A 3 3.81 -6.67 -0.05
C ARG A 3 2.37 -6.23 -0.30
N GLU A 4 1.51 -7.19 -0.63
CA GLU A 4 0.11 -6.87 -0.89
C GLU A 4 -0.82 -7.65 0.02
N TYR A 5 -1.60 -6.91 0.80
CA TYR A 5 -2.55 -7.53 1.71
C TYR A 5 -3.95 -7.02 1.36
N GLY A 6 -4.79 -7.89 0.81
CA GLY A 6 -6.13 -7.48 0.43
C GLY A 6 -6.05 -6.28 -0.53
N PRO A 7 -6.89 -5.27 -0.36
CA PRO A 7 -6.88 -4.07 -1.25
C PRO A 7 -5.68 -3.15 -1.02
O LE1 A 8 -2.24 -4.24 0.29
C LE1 A 8 -2.51 -3.08 -0.02
CA LE1 A 8 -3.83 -2.44 0.39
N LE1 A 8 -4.97 -3.31 0.10
CB LE1 A 8 -3.75 -2.07 1.88
C9 LE1 A 8 -4.01 -3.30 2.76
C8 LE1 A 8 -2.34 -1.55 2.17
SG LE1 A 8 -4.94 -0.76 2.30
HA LE1 A 8 -3.95 -1.54 -0.18
H LE1 A 8 -5.23 -4.01 0.74
H9 LE1 A 8 -3.93 -3.01 3.80
H9A LE1 A 8 -3.27 -4.05 2.55
H9B LE1 A 8 -5.00 -3.68 2.57
H8 LE1 A 8 -2.36 -0.92 3.05
H8A LE1 A 8 -1.99 -0.98 1.33
H8B LE1 A 8 -1.68 -2.38 2.35
N LYS A 9 -1.69 -2.30 -0.70
CA LYS A 9 -0.38 -2.76 -1.15
C LYS A 9 0.69 -1.79 -0.66
O LE1 A 10 4.37 -2.84 -0.52
C LE1 A 10 4.07 -1.71 -0.12
CA LE1 A 10 2.74 -1.47 0.59
N LE1 A 10 1.68 -2.31 0.06
CB LE1 A 10 2.91 -1.73 2.09
C9 LE1 A 10 3.33 -3.18 2.30
C8 LE1 A 10 3.99 -0.80 2.65
SG LE1 A 10 1.34 -1.40 2.93
HA LE1 A 10 2.46 -0.43 0.45
H LE1 A 10 1.68 -3.27 0.25
H9 LE1 A 10 4.26 -3.37 1.80
H9A LE1 A 10 2.57 -3.84 1.90
H9B LE1 A 10 3.44 -3.37 3.37
H8 LE1 A 10 3.92 -0.77 3.72
H8A LE1 A 10 3.87 0.19 2.24
H8B LE1 A 10 4.97 -1.18 2.37
O LE1 A 11 7.02 0.96 0.52
C LE1 A 11 7.23 -0.11 -0.04
CA LE1 A 11 6.14 -0.75 -0.92
N LE1 A 11 4.85 -0.65 -0.27
CB LE1 A 11 6.11 -0.04 -2.27
C9 LE1 A 11 5.16 1.15 -2.20
C8 LE1 A 11 7.51 0.44 -2.64
SG LE1 A 11 5.52 -1.20 -3.54
HA LE1 A 11 6.38 -1.79 -1.07
H LE1 A 11 4.55 0.21 0.08
H9 LE1 A 11 5.21 1.59 -1.22
H9A LE1 A 11 4.15 0.82 -2.40
H9B LE1 A 11 5.44 1.89 -2.93
H8 LE1 A 11 7.56 0.66 -3.69
H8A LE1 A 11 8.23 -0.33 -2.39
H8B LE1 A 11 7.74 1.34 -2.07
N ALA A 12 8.36 -0.78 0.05
CA ALA A 12 9.47 -0.27 0.87
C ALA A 12 10.80 -0.55 0.18
N NH2 A 13 11.44 0.43 -0.40
HN1 NH2 A 13 11.06 1.33 -0.40
HN2 NH2 A 13 12.31 0.27 -0.84
N ALA B 1 7.97 4.40 3.95
CA ALA B 1 7.09 3.38 3.31
C ALA B 1 5.73 4.02 2.99
O LE1 B 2 3.33 1.99 0.39
C LE1 B 2 2.88 2.90 1.07
CA LE1 B 2 3.77 4.04 1.57
N LE1 B 2 5.08 3.51 1.97
CB LE1 B 2 3.95 5.08 0.47
C9 LE1 B 2 5.00 4.60 -0.54
C8 LE1 B 2 2.62 5.29 -0.26
SG LE1 B 2 4.48 6.65 1.20
HA LE1 B 2 3.31 4.50 2.42
H LE1 B 2 5.47 2.76 1.46
H9 LE1 B 2 5.04 5.28 -1.36
H9A LE1 B 2 4.75 3.62 -0.89
H9B LE1 B 2 5.96 4.57 -0.05
H8 LE1 B 2 2.59 6.28 -0.69
H8A LE1 B 2 1.81 5.19 0.45
H8B LE1 B 2 2.51 4.55 -1.04
N CYS B 3 1.60 2.96 1.43
CA CYS B 3 0.65 1.92 1.02
C CYS B 3 -0.49 2.52 0.19
N GLU B 4 -1.02 1.72 -0.73
CA GLU B 4 -2.12 2.19 -1.58
C GLU B 4 -3.31 1.24 -1.50
N CYS B 5 -4.50 1.81 -1.30
CA CYS B 5 -5.72 1.01 -1.23
C CYS B 5 -6.77 1.57 -2.16
N GLY B 6 -7.09 0.83 -3.21
CA GLY B 6 -8.07 1.27 -4.17
C GLY B 6 -7.64 2.61 -4.79
N PRO B 7 -8.55 3.51 -5.07
CA PRO B 7 -8.20 4.83 -5.66
C PRO B 7 -7.46 5.74 -4.67
N THR B 8 -7.56 5.42 -3.39
CA THR B 8 -6.90 6.22 -2.37
C THR B 8 -5.54 5.63 -1.99
N ARG B 9 -4.72 6.43 -1.31
CA ARG B 9 -3.41 6.00 -0.88
C ARG B 9 -2.99 6.71 0.40
N GLU B 10 -2.19 6.04 1.23
CA GLU B 10 -1.74 6.64 2.48
C GLU B 10 -0.32 6.20 2.81
N CYS B 11 0.39 7.02 3.58
CA CYS B 11 1.77 6.70 3.98
C CYS B 11 1.90 6.66 5.49
N LYS B 12 2.90 5.92 5.96
CA LYS B 12 3.16 5.79 7.39
C LYS B 12 1.86 5.64 8.19
N NH2 B 13 1.39 4.44 8.43
HN1 NH2 B 13 1.87 3.65 8.09
HN2 NH2 B 13 0.56 4.33 8.93
N GLU A 1 10.32 -5.46 -3.42
CA GLU A 1 10.34 -4.85 -2.05
C GLU A 1 8.94 -4.38 -1.69
N CYS A 2 7.94 -5.03 -2.25
CA CYS A 2 6.55 -4.68 -2.00
C CYS A 2 5.76 -5.88 -1.49
N ARG A 3 4.77 -5.59 -0.66
CA ARG A 3 3.91 -6.64 -0.10
C ARG A 3 2.45 -6.28 -0.35
N GLU A 4 1.62 -7.28 -0.61
CA GLU A 4 0.20 -7.04 -0.88
C GLU A 4 -0.68 -7.74 0.14
N TYR A 5 -1.50 -6.96 0.84
CA TYR A 5 -2.43 -7.51 1.82
C TYR A 5 -3.84 -7.06 1.47
N GLY A 6 -4.65 -7.99 1.00
CA GLY A 6 -6.02 -7.65 0.64
C GLY A 6 -6.04 -6.52 -0.40
N PRO A 7 -6.92 -5.54 -0.27
CA PRO A 7 -7.01 -4.41 -1.25
C PRO A 7 -5.84 -3.43 -1.16
O LE1 A 8 -2.34 -4.34 -0.03
C LE1 A 8 -2.62 -3.17 -0.30
CA LE1 A 8 -3.96 -2.57 0.09
N LE1 A 8 -5.06 -3.50 -0.09
CB LE1 A 8 -3.92 -2.07 1.53
C9 LE1 A 8 -3.75 -3.26 2.49
C8 LE1 A 8 -2.75 -1.11 1.70
SG LE1 A 8 -5.47 -1.23 1.92
HA LE1 A 8 -4.14 -1.71 -0.55
H LE1 A 8 -5.24 -4.18 0.60
H9 LE1 A 8 -4.66 -3.82 2.53
H9A LE1 A 8 -3.52 -2.89 3.48
H9B LE1 A 8 -2.94 -3.88 2.14
H8 LE1 A 8 -1.82 -1.66 1.75
H8A LE1 A 8 -2.87 -0.55 2.63
H8B LE1 A 8 -2.72 -0.42 0.87
N LYS A 9 -1.79 -2.36 -0.94
CA LYS A 9 -0.46 -2.78 -1.38
C LYS A 9 0.60 -1.83 -0.82
O LE1 A 10 4.25 -2.83 -0.69
C LE1 A 10 3.93 -1.74 -0.24
CA LE1 A 10 2.61 -1.55 0.50
N LE1 A 10 1.57 -2.37 -0.09
CB LE1 A 10 2.79 -1.88 1.98
C9 LE1 A 10 3.16 -3.36 2.13
C8 LE1 A 10 3.90 -1.01 2.56
SG LE1 A 10 1.24 -1.55 2.85
HA LE1 A 10 2.32 -0.51 0.41
H LE1 A 10 1.57 -3.34 0.06
H9 LE1 A 10 4.07 -3.56 1.58
H9A LE1 A 10 2.36 -3.97 1.74
H9B LE1 A 10 3.31 -3.58 3.17
H8 LE1 A 10 3.83 -0.01 2.17
H8A LE1 A 10 4.87 -1.44 2.30
H8B LE1 A 10 3.80 -0.98 3.64
O LE1 A 11 6.76 1.07 0.43
C LE1 A 11 7.03 0.03 -0.16
CA LE1 A 11 6.00 -0.71 -0.99
N LE1 A 11 4.71 -0.65 -0.33
CB LE1 A 11 5.91 -0.05 -2.37
C9 LE1 A 11 5.01 1.18 -2.30
C8 LE1 A 11 7.32 0.37 -2.81
SG LE1 A 11 5.25 -1.23 -3.57
HA LE1 A 11 6.30 -1.74 -1.11
H LE1 A 11 4.39 0.19 0.06
H9 LE1 A 11 4.01 0.91 -2.59
H9A LE1 A 11 5.38 1.94 -2.97
H9B LE1 A 11 5.01 1.57 -1.30
H8 LE1 A 11 8.02 -0.41 -2.56
H8A LE1 A 11 7.61 1.28 -2.29
H8B LE1 A 11 7.34 0.55 -3.87
N ALA A 12 8.25 -0.52 -0.13
CA ALA A 12 9.32 0.10 0.62
C ALA A 12 8.87 0.39 2.06
N NH2 A 13 9.20 1.50 2.64
HN1 NH2 A 13 9.74 2.17 2.16
HN2 NH2 A 13 8.90 1.69 3.56
N ALA B 1 7.33 4.00 5.11
CA ALA B 1 6.84 3.28 3.91
C ALA B 1 5.55 3.95 3.41
O LE1 B 2 3.34 1.92 0.58
C LE1 B 2 2.87 2.83 1.25
CA LE1 B 2 3.76 3.95 1.77
N LE1 B 2 4.98 3.41 2.34
CB LE1 B 2 4.09 4.92 0.65
C9 LE1 B 2 5.22 4.33 -0.20
C8 LE1 B 2 2.86 5.12 -0.24
SG LE1 B 2 4.61 6.51 1.33
HA LE1 B 2 3.23 4.50 2.55
H LE1 B 2 5.39 2.61 1.93
H9 LE1 B 2 5.26 3.26 -0.08
H9A LE1 B 2 6.17 4.75 0.10
H9B LE1 B 2 5.05 4.57 -1.25
H8 LE1 B 2 1.97 5.03 0.37
H8A LE1 B 2 2.84 4.39 -1.01
H8B LE1 B 2 2.89 6.12 -0.68
N CYS B 3 1.58 2.90 1.58
CA CYS B 3 0.64 1.88 1.14
C CYS B 3 -0.48 2.49 0.30
N GLU B 4 -0.99 1.72 -0.65
CA GLU B 4 -2.06 2.19 -1.52
C GLU B 4 -3.29 1.31 -1.39
N CYS B 5 -4.42 1.93 -1.06
CA CYS B 5 -5.67 1.18 -0.93
C CYS B 5 -6.67 1.71 -1.94
N GLY B 6 -7.06 0.86 -2.89
CA GLY B 6 -8.01 1.28 -3.91
C GLY B 6 -7.45 2.49 -4.67
N PRO B 7 -8.29 3.42 -5.08
CA PRO B 7 -7.82 4.64 -5.81
C PRO B 7 -7.06 5.60 -4.92
N THR B 8 -7.20 5.45 -3.60
CA THR B 8 -6.53 6.32 -2.65
C THR B 8 -5.25 5.68 -2.12
N ARG B 9 -4.42 6.49 -1.46
CA ARG B 9 -3.17 6.00 -0.89
C ARG B 9 -2.80 6.77 0.38
N GLU B 10 -2.03 6.12 1.25
CA GLU B 10 -1.63 6.76 2.50
C GLU B 10 -0.21 6.34 2.89
N CYS B 11 0.49 7.21 3.59
CA CYS B 11 1.85 6.91 4.03
C CYS B 11 1.96 7.03 5.55
N LYS B 12 2.85 6.26 6.14
CA LYS B 12 3.06 6.28 7.58
C LYS B 12 3.74 7.58 7.99
N NH2 B 13 3.16 8.37 8.86
HN1 NH2 B 13 2.28 8.13 9.23
HN2 NH2 B 13 3.59 9.21 9.13
N GLU A 1 11.28 -4.16 -2.13
CA GLU A 1 10.37 -5.29 -1.82
C GLU A 1 8.99 -4.76 -1.45
N CYS A 2 7.97 -5.26 -2.13
CA CYS A 2 6.60 -4.82 -1.86
C CYS A 2 5.73 -6.00 -1.43
N ARG A 3 4.76 -5.71 -0.56
CA ARG A 3 3.84 -6.73 -0.08
C ARG A 3 2.40 -6.27 -0.26
N GLU A 4 1.52 -7.18 -0.66
CA GLU A 4 0.12 -6.83 -0.88
C GLU A 4 -0.80 -7.61 0.04
N TYR A 5 -1.57 -6.88 0.83
CA TYR A 5 -2.53 -7.49 1.74
C TYR A 5 -3.93 -6.99 1.39
N GLY A 6 -4.75 -7.87 0.83
CA GLY A 6 -6.10 -7.46 0.46
C GLY A 6 -6.02 -6.27 -0.51
N PRO A 7 -6.86 -5.27 -0.37
CA PRO A 7 -6.85 -4.08 -1.26
C PRO A 7 -5.65 -3.15 -1.04
O LE1 A 8 -2.22 -4.19 0.34
C LE1 A 8 -2.50 -3.05 -0.01
CA LE1 A 8 -3.83 -2.42 0.38
N LE1 A 8 -4.97 -3.30 0.10
CB LE1 A 8 -3.76 -2.04 1.88
C9 LE1 A 8 -3.98 -3.27 2.75
C8 LE1 A 8 -2.36 -1.48 2.16
SG LE1 A 8 -4.99 -0.76 2.29
HA LE1 A 8 -3.95 -1.52 -0.19
H LE1 A 8 -5.23 -3.98 0.74
H9 LE1 A 8 -4.97 -3.67 2.58
H9A LE1 A 8 -3.90 -2.99 3.80
H9B LE1 A 8 -3.24 -4.01 2.53
H8 LE1 A 8 -2.41 -0.81 3.01
H8A LE1 A 8 -2.01 -0.94 1.30
H8B LE1 A 8 -1.69 -2.29 2.39
N LYS A 9 -1.69 -2.28 -0.73
CA LYS A 9 -0.38 -2.75 -1.16
C LYS A 9 0.69 -1.78 -0.67
O LE1 A 10 4.37 -2.85 -0.49
C LE1 A 10 4.05 -1.72 -0.11
CA LE1 A 10 2.73 -1.46 0.59
N LE1 A 10 1.67 -2.31 0.06
CB LE1 A 10 2.89 -1.71 2.09
C9 LE1 A 10 3.30 -3.17 2.32
C8 LE1 A 10 3.98 -0.79 2.65
SG LE1 A 10 1.32 -1.38 2.92
HA LE1 A 10 2.46 -0.42 0.44
H LE1 A 10 1.67 -3.26 0.24
H9 LE1 A 10 3.31 -3.69 1.38
H9A LE1 A 10 2.59 -3.63 2.99
H9B LE1 A 10 4.29 -3.20 2.76
H8 LE1 A 10 3.94 0.17 2.14
H8A LE1 A 10 4.94 -1.24 2.50
H8B LE1 A 10 3.80 -0.63 3.71
O LE1 A 11 7.00 0.91 0.59
C LE1 A 11 7.22 -0.14 -0.02
CA LE1 A 11 6.15 -0.77 -0.90
N LE1 A 11 4.85 -0.66 -0.26
CB LE1 A 11 6.13 -0.07 -2.26
C9 LE1 A 11 5.19 1.13 -2.20
C8 LE1 A 11 7.54 0.40 -2.61
SG LE1 A 11 5.55 -1.22 -3.54
HA LE1 A 11 6.39 -1.81 -1.05
H LE1 A 11 4.55 0.21 0.07
H9 LE1 A 11 4.18 0.83 -2.42
H9A LE1 A 11 5.50 1.87 -2.93
H9B LE1 A 11 5.23 1.58 -1.21
H8 LE1 A 11 7.60 0.61 -3.67
H8A LE1 A 11 8.25 -0.38 -2.37
H8B LE1 A 11 7.78 1.29 -2.05
N ALA A 12 8.38 -0.78 0.05
CA ALA A 12 9.48 -0.27 0.86
C ALA A 12 10.82 -0.56 0.18
N NH2 A 13 11.50 0.43 -0.34
HN1 NH2 A 13 11.14 1.34 -0.30
HN2 NH2 A 13 12.36 0.25 -0.78
N ALA B 1 8.03 4.44 3.79
CA ALA B 1 7.10 3.38 3.29
C ALA B 1 5.74 4.02 2.98
O LE1 B 2 3.34 1.97 0.42
C LE1 B 2 2.87 2.90 1.07
CA LE1 B 2 3.76 4.03 1.57
N LE1 B 2 5.08 3.51 1.96
CB LE1 B 2 3.93 5.09 0.47
C9 LE1 B 2 4.97 4.62 -0.54
C8 LE1 B 2 2.59 5.30 -0.23
SG LE1 B 2 4.47 6.65 1.21
HA LE1 B 2 3.31 4.49 2.43
H LE1 B 2 5.47 2.77 1.44
H9 LE1 B 2 4.65 4.90 -1.54
H9A LE1 B 2 5.06 3.54 -0.50
H9B LE1 B 2 5.92 5.07 -0.32
H8 LE1 B 2 2.58 6.27 -0.69
H8A LE1 B 2 1.79 5.24 0.50
H8B LE1 B 2 2.46 4.54 -0.98
N CYS B 3 1.59 2.98 1.40
CA CYS B 3 0.64 1.95 1.00
C CYS B 3 -0.49 2.54 0.15
N GLU B 4 -1.04 1.74 -0.75
CA GLU B 4 -2.13 2.20 -1.61
C GLU B 4 -3.32 1.25 -1.53
N CYS B 5 -4.51 1.81 -1.33
CA CYS B 5 -5.73 1.01 -1.25
C CYS B 5 -6.79 1.58 -2.18
N GLY B 6 -7.08 0.84 -3.25
CA GLY B 6 -8.07 1.29 -4.20
C GLY B 6 -7.64 2.64 -4.80
N PRO B 7 -8.55 3.54 -5.09
CA PRO B 7 -8.21 4.87 -5.65
C PRO B 7 -7.48 5.76 -4.64
N THR B 8 -7.59 5.42 -3.37
CA THR B 8 -6.94 6.21 -2.31
C THR B 8 -5.57 5.63 -1.96
N ARG B 9 -4.78 6.44 -1.27
CA ARG B 9 -3.45 6.01 -0.86
C ARG B 9 -3.03 6.71 0.44
N GLU B 10 -2.22 6.03 1.25
CA GLU B 10 -1.77 6.60 2.51
C GLU B 10 -0.34 6.19 2.82
N CYS B 11 0.38 7.02 3.57
CA CYS B 11 1.76 6.71 3.94
C CYS B 11 1.91 6.64 5.46
N LYS B 12 2.85 5.82 5.92
CA LYS B 12 3.09 5.66 7.34
C LYS B 12 3.88 6.85 7.89
N NH2 B 13 3.27 7.74 8.63
HN1 NH2 B 13 2.31 7.64 8.83
HN2 NH2 B 13 3.77 8.51 8.98
N GLU A 1 10.29 -5.62 -3.38
CA GLU A 1 10.35 -5.06 -2.00
C GLU A 1 8.99 -4.53 -1.60
N CYS A 2 7.95 -5.11 -2.18
CA CYS A 2 6.58 -4.70 -1.89
C CYS A 2 5.75 -5.88 -1.41
N ARG A 3 4.75 -5.58 -0.58
CA ARG A 3 3.85 -6.61 -0.07
C ARG A 3 2.41 -6.20 -0.30
N GLU A 4 1.55 -7.15 -0.62
CA GLU A 4 0.14 -6.85 -0.88
C GLU A 4 -0.78 -7.62 0.06
N TYR A 5 -1.55 -6.87 0.83
CA TYR A 5 -2.50 -7.48 1.75
C TYR A 5 -3.90 -6.99 1.41
N GLY A 6 -4.73 -7.87 0.86
CA GLY A 6 -6.07 -7.46 0.49
C GLY A 6 -6.00 -6.28 -0.49
N PRO A 7 -6.84 -5.27 -0.33
CA PRO A 7 -6.83 -4.08 -1.23
C PRO A 7 -5.63 -3.15 -1.01
O LE1 A 8 -2.20 -4.20 0.33
C LE1 A 8 -2.48 -3.05 0.00
CA LE1 A 8 -3.81 -2.42 0.40
N LE1 A 8 -4.95 -3.30 0.12
CB LE1 A 8 -3.73 -2.03 1.90
C9 LE1 A 8 -3.97 -3.25 2.78
C8 LE1 A 8 -2.34 -1.48 2.18
SG LE1 A 8 -4.96 -0.74 2.30
HA LE1 A 8 -3.93 -1.51 -0.16
H LE1 A 8 -5.21 -3.98 0.77
H9 LE1 A 8 -3.89 -2.97 3.83
H9A LE1 A 8 -3.23 -4.01 2.56
H9B LE1 A 8 -4.96 -3.65 2.60
H8 LE1 A 8 -1.98 -0.94 1.33
H8A LE1 A 8 -1.67 -2.30 2.39
H8B LE1 A 8 -2.37 -0.82 3.04
N LYS A 9 -1.66 -2.27 -0.70
CA LYS A 9 -0.35 -2.73 -1.13
C LYS A 9 0.71 -1.75 -0.65
O LE1 A 10 4.39 -2.77 -0.53
C LE1 A 10 4.09 -1.66 -0.10
CA LE1 A 10 2.77 -1.41 0.61
N LE1 A 10 1.71 -2.27 0.07
CB LE1 A 10 2.94 -1.67 2.10
C9 LE1 A 10 3.38 -3.11 2.33
C8 LE1 A 10 4.00 -0.72 2.66
SG LE1 A 10 1.36 -1.37 2.94
HA LE1 A 10 2.48 -0.38 0.47
H LE1 A 10 1.73 -3.23 0.25
H9 LE1 A 10 4.35 -3.27 1.87
H9A LE1 A 10 2.66 -3.78 1.88
H9B LE1 A 10 3.44 -3.31 3.39
H8 LE1 A 10 4.98 -1.11 2.45
H8A LE1 A 10 3.87 -0.63 3.73
H8B LE1 A 10 3.89 0.26 2.21
O LE1 A 11 7.06 1.11 0.55
C LE1 A 11 7.27 -0.02 0.08
CA LE1 A 11 6.21 -0.69 -0.80
N LE1 A 11 4.90 -0.60 -0.18
CB LE1 A 11 6.19 -0.01 -2.18
C9 LE1 A 11 5.37 1.28 -2.10
C8 LE1 A 11 7.62 0.33 -2.59
SG LE1 A 11 5.45 -1.13 -3.39
HA LE1 A 11 6.47 -1.73 -0.93
H LE1 A 11 4.61 0.26 0.20
H9 LE1 A 11 5.54 1.75 -1.15
H9A LE1 A 11 4.32 1.04 -2.20
H9B LE1 A 11 5.67 1.94 -2.89
H8 LE1 A 11 7.97 1.19 -2.04
H8A LE1 A 11 7.65 0.54 -3.65
H8B LE1 A 11 8.26 -0.52 -2.39
N ALA A 12 8.38 -0.70 0.30
CA ALA A 12 9.45 -0.16 1.14
C ALA A 12 10.80 -0.51 0.55
N NH2 A 13 11.49 0.41 -0.07
HN1 NH2 A 13 11.13 1.32 -0.16
HN2 NH2 A 13 12.38 0.20 -0.46
N ALA B 1 7.95 4.47 4.04
CA ALA B 1 7.09 3.45 3.40
C ALA B 1 5.72 4.06 3.11
O LE1 B 2 3.36 2.01 0.52
C LE1 B 2 2.87 2.93 1.17
CA LE1 B 2 3.75 4.07 1.68
N LE1 B 2 5.07 3.57 2.05
CB LE1 B 2 3.88 5.15 0.60
C9 LE1 B 2 4.92 4.71 -0.44
C8 LE1 B 2 2.53 5.35 -0.07
SG LE1 B 2 4.41 6.70 1.35
HA LE1 B 2 3.28 4.50 2.55
H LE1 B 2 5.49 2.87 1.50
H9 LE1 B 2 4.66 3.72 -0.80
H9A LE1 B 2 5.90 4.68 0.01
H9B LE1 B 2 4.91 5.41 -1.27
H8 LE1 B 2 2.39 4.58 -0.82
H8A LE1 B 2 2.51 6.32 -0.56
H8B LE1 B 2 1.74 5.31 0.66
N CYS B 3 1.59 3.01 1.47
CA CYS B 3 0.66 1.96 1.05
C CYS B 3 -0.47 2.55 0.19
N GLU B 4 -1.01 1.74 -0.71
CA GLU B 4 -2.09 2.20 -1.58
C GLU B 4 -3.29 1.25 -1.50
N CYS B 5 -4.47 1.80 -1.31
CA CYS B 5 -5.69 1.00 -1.25
C CYS B 5 -6.74 1.56 -2.20
N GLY B 6 -7.04 0.81 -3.25
CA GLY B 6 -8.02 1.25 -4.22
C GLY B 6 -7.58 2.57 -4.84
N PRO B 7 -8.48 3.47 -5.16
CA PRO B 7 -8.13 4.79 -5.75
C PRO B 7 -7.41 5.70 -4.76
N THR B 8 -7.52 5.39 -3.48
CA THR B 8 -6.88 6.19 -2.44
C THR B 8 -5.54 5.61 -2.03
N ARG B 9 -4.73 6.42 -1.35
CA ARG B 9 -3.42 5.98 -0.89
C ARG B 9 -3.04 6.69 0.41
N GLU B 10 -2.26 6.01 1.25
CA GLU B 10 -1.84 6.59 2.52
C GLU B 10 -0.40 6.17 2.85
N CYS B 11 0.27 7.00 3.63
CA CYS B 11 1.65 6.70 4.03
C CYS B 11 1.77 6.60 5.54
N LYS B 12 2.71 5.78 6.00
CA LYS B 12 2.91 5.59 7.43
C LYS B 12 4.40 5.50 7.76
N NH2 B 13 4.86 6.07 8.84
HN1 NH2 B 13 4.24 6.55 9.44
HN2 NH2 B 13 5.81 6.02 9.06
N GLU A 1 11.21 -4.22 -2.47
CA GLU A 1 10.29 -5.36 -2.15
C GLU A 1 8.97 -4.79 -1.65
N CYS A 2 7.88 -5.24 -2.26
CA CYS A 2 6.56 -4.79 -1.86
C CYS A 2 5.69 -5.96 -1.42
N ARG A 3 4.78 -5.68 -0.48
CA ARG A 3 3.87 -6.70 0.01
C ARG A 3 2.43 -6.25 -0.18
N GLU A 4 1.57 -7.18 -0.57
CA GLU A 4 0.16 -6.85 -0.81
C GLU A 4 -0.76 -7.62 0.12
N TYR A 5 -1.57 -6.89 0.87
CA TYR A 5 -2.53 -7.49 1.78
C TYR A 5 -3.92 -7.01 1.42
N GLY A 6 -4.74 -7.89 0.85
CA GLY A 6 -6.08 -7.50 0.46
C GLY A 6 -6.01 -6.30 -0.51
N PRO A 7 -6.85 -5.31 -0.35
CA PRO A 7 -6.84 -4.11 -1.26
C PRO A 7 -5.65 -3.17 -1.05
O LE1 A 8 -2.17 -4.19 0.22
C LE1 A 8 -2.48 -3.05 -0.11
CA LE1 A 8 -3.80 -2.44 0.34
N LE1 A 8 -4.94 -3.32 0.07
CB LE1 A 8 -3.70 -2.06 1.83
C9 LE1 A 8 -3.95 -3.28 2.72
C8 LE1 A 8 -2.29 -1.54 2.10
SG LE1 A 8 -4.89 -0.75 2.26
HA LE1 A 8 -3.95 -1.53 -0.22
H LE1 A 8 -5.19 -4.02 0.72
H9 LE1 A 8 -4.94 -3.66 2.55
H9A LE1 A 8 -3.86 -2.98 3.76
H9B LE1 A 8 -3.21 -4.03 2.51
H8 LE1 A 8 -2.31 -0.89 2.97
H8A LE1 A 8 -1.95 -0.98 1.24
H8B LE1 A 8 -1.63 -2.37 2.28
N LYS A 9 -1.71 -2.25 -0.83
CA LYS A 9 -0.39 -2.67 -1.32
C LYS A 9 0.67 -1.74 -0.75
O LE1 A 10 4.32 -2.81 -0.59
C LE1 A 10 4.02 -1.72 -0.13
CA LE1 A 10 2.69 -1.47 0.56
N LE1 A 10 1.64 -2.29 -0.02
CB LE1 A 10 2.83 -1.79 2.05
C9 LE1 A 10 3.17 -3.27 2.24
C8 LE1 A 10 3.94 -0.92 2.66
SG LE1 A 10 1.26 -1.42 2.89
HA LE1 A 10 2.43 -0.43 0.45
H LE1 A 10 1.63 -3.26 0.12
H9 LE1 A 10 3.41 -3.44 3.28
H9A LE1 A 10 4.03 -3.51 1.63
H9B LE1 A 10 2.33 -3.87 1.96
H8 LE1 A 10 3.86 -0.93 3.73
H8A LE1 A 10 3.84 0.09 2.29
H8B LE1 A 10 4.90 -1.31 2.35
O LE1 A 11 6.99 0.93 0.68
C LE1 A 11 7.20 -0.12 0.07
CA LE1 A 11 6.14 -0.75 -0.84
N LE1 A 11 4.83 -0.65 -0.21
CB LE1 A 11 6.13 -0.01 -2.18
C9 LE1 A 11 5.22 1.22 -2.07
C8 LE1 A 11 7.56 0.43 -2.53
SG LE1 A 11 5.50 -1.11 -3.47
HA LE1 A 11 6.39 -1.78 -1.01
H LE1 A 11 4.54 0.19 0.18
H9 LE1 A 11 4.21 0.95 -2.35
H9A LE1 A 11 5.59 1.99 -2.74
H9B LE1 A 11 5.24 1.59 -1.07
H8 LE1 A 11 8.25 -0.37 -2.31
H8A LE1 A 11 7.82 1.30 -1.94
H8B LE1 A 11 7.60 0.68 -3.57
N ALA A 12 8.35 -0.78 0.17
CA ALA A 12 9.44 -0.29 1.00
C ALA A 12 10.80 -0.63 0.38
N NH2 A 13 11.58 0.35 0.01
HN1 NH2 A 13 11.30 1.28 0.12
HN2 NH2 A 13 12.44 0.14 -0.40
N ALA B 1 7.84 4.35 4.24
CA ALA B 1 7.03 3.40 3.42
C ALA B 1 5.71 4.06 3.05
O LE1 B 2 3.32 1.99 0.44
C LE1 B 2 2.86 2.92 1.11
CA LE1 B 2 3.76 4.04 1.62
N LE1 B 2 5.04 3.50 2.05
CB LE1 B 2 3.96 5.08 0.51
C9 LE1 B 2 5.04 4.60 -0.46
C8 LE1 B 2 2.65 5.29 -0.24
SG LE1 B 2 4.47 6.65 1.25
HA LE1 B 2 3.27 4.52 2.46
H LE1 B 2 5.40 2.71 1.61
H9 LE1 B 2 5.11 5.29 -1.28
H9A LE1 B 2 4.78 3.61 -0.83
H9B LE1 B 2 5.98 4.54 0.06
H8 LE1 B 2 1.82 5.20 0.44
H8A LE1 B 2 2.57 4.53 -1.01
H8B LE1 B 2 2.65 6.26 -0.70
N CYS B 3 1.57 2.98 1.45
CA CYS B 3 0.63 1.95 1.03
C CYS B 3 -0.50 2.54 0.19
N GLU B 4 -1.05 1.74 -0.73
CA GLU B 4 -2.14 2.20 -1.57
C GLU B 4 -3.33 1.24 -1.51
N CYS B 5 -4.52 1.79 -1.30
CA CYS B 5 -5.73 0.99 -1.24
C CYS B 5 -6.77 1.56 -2.18
N GLY B 6 -7.07 0.81 -3.24
CA GLY B 6 -8.04 1.27 -4.21
C GLY B 6 -7.59 2.61 -4.81
N PRO B 7 -8.50 3.52 -5.11
CA PRO B 7 -8.14 4.84 -5.69
C PRO B 7 -7.43 5.74 -4.68
N THR B 8 -7.54 5.41 -3.39
CA THR B 8 -6.91 6.21 -2.35
C THR B 8 -5.54 5.64 -1.99
N ARG B 9 -4.75 6.45 -1.28
CA ARG B 9 -3.42 6.04 -0.86
C ARG B 9 -3.03 6.74 0.44
N GLU B 10 -2.21 6.06 1.25
CA GLU B 10 -1.78 6.61 2.52
C GLU B 10 -0.33 6.22 2.82
N CYS B 11 0.36 7.05 3.59
CA CYS B 11 1.75 6.77 3.95
C CYS B 11 1.91 6.74 5.47
N LYS B 12 2.86 5.94 5.93
CA LYS B 12 3.12 5.82 7.36
C LYS B 12 3.80 7.07 7.90
N NH2 B 13 3.15 7.87 8.70
HN1 NH2 B 13 2.22 7.65 8.95
HN2 NH2 B 13 3.58 8.68 9.05
N GLU A 1 10.99 -3.84 -2.57
CA GLU A 1 10.30 -4.85 -1.72
C GLU A 1 8.87 -4.40 -1.45
N CYS A 2 7.91 -5.10 -2.06
CA CYS A 2 6.51 -4.74 -1.89
C CYS A 2 5.70 -5.95 -1.40
N ARG A 3 4.68 -5.66 -0.60
CA ARG A 3 3.80 -6.70 -0.07
C ARG A 3 2.35 -6.32 -0.32
N GLU A 4 1.51 -7.29 -0.65
CA GLU A 4 0.11 -7.00 -0.92
C GLU A 4 -0.81 -7.76 0.01
N TYR A 5 -1.60 -7.03 0.77
CA TYR A 5 -2.56 -7.64 1.69
C TYR A 5 -3.96 -7.13 1.36
N GLY A 6 -4.79 -7.99 0.80
CA GLY A 6 -6.14 -7.58 0.43
C GLY A 6 -6.07 -6.38 -0.52
N PRO A 7 -6.91 -5.37 -0.34
CA PRO A 7 -6.91 -4.17 -1.22
C PRO A 7 -5.70 -3.25 -1.02
O LE1 A 8 -2.22 -4.31 0.33
C LE1 A 8 -2.53 -3.18 -0.04
CA LE1 A 8 -3.86 -2.54 0.38
N LE1 A 8 -5.00 -3.41 0.11
CB LE1 A 8 -3.77 -2.17 1.87
C9 LE1 A 8 -3.93 -3.42 2.74
C8 LE1 A 8 -2.38 -1.56 2.14
SG LE1 A 8 -5.03 -0.93 2.32
HA LE1 A 8 -3.98 -1.63 -0.19
H LE1 A 8 -5.26 -4.09 0.76
H9 LE1 A 8 -4.92 -3.82 2.61
H9A LE1 A 8 -3.79 -3.14 3.78
H9B LE1 A 8 -3.19 -4.15 2.45
H8 LE1 A 8 -2.05 -1.02 1.27
H8A LE1 A 8 -1.68 -2.36 2.36
H8B LE1 A 8 -2.44 -0.90 2.98
N LYS A 9 -1.75 -2.42 -0.81
CA LYS A 9 -0.45 -2.88 -1.26
C LYS A 9 0.62 -1.89 -0.79
O LE1 A 10 4.31 -2.88 -0.66
C LE1 A 10 3.97 -1.77 -0.28
CA LE1 A 10 2.66 -1.55 0.46
N LE1 A 10 1.61 -2.40 -0.06
CB LE1 A 10 2.86 -1.81 1.96
C9 LE1 A 10 3.26 -3.27 2.16
C8 LE1 A 10 3.95 -0.89 2.50
SG LE1 A 10 1.31 -1.48 2.83
HA LE1 A 10 2.37 -0.52 0.34
H LE1 A 10 1.61 -3.36 0.15
H9 LE1 A 10 4.27 -3.31 2.54
H9A LE1 A 10 3.21 -3.80 1.21
H9B LE1 A 10 2.59 -3.73 2.87
H8 LE1 A 10 3.80 0.10 2.12
H8A LE1 A 10 4.92 -1.26 2.20
H8B LE1 A 10 3.89 -0.87 3.58
O LE1 A 11 6.82 1.08 0.18
C LE1 A 11 7.06 -0.02 -0.32
CA LE1 A 11 6.01 -0.75 -1.14
N LE1 A 11 4.72 -0.68 -0.46
CB LE1 A 11 5.90 -0.12 -2.52
C9 LE1 A 11 4.92 1.06 -2.48
C8 LE1 A 11 7.28 0.39 -2.96
SG LE1 A 11 5.31 -1.35 -3.71
HA LE1 A 11 6.29 -1.78 -1.25
H LE1 A 11 4.40 0.18 -0.12
H9 LE1 A 11 4.94 1.52 -1.50
H9A LE1 A 11 3.92 0.70 -2.69
H9B LE1 A 11 5.20 1.80 -3.22
H8 LE1 A 11 8.02 -0.35 -2.71
H8A LE1 A 11 7.50 1.30 -2.43
H8B LE1 A 11 7.28 0.57 -4.02
N ALA A 12 8.23 -0.63 -0.18
CA ALA A 12 9.31 -0.03 0.58
C ALA A 12 8.86 0.28 2.00
N NH2 A 13 8.07 -0.54 2.62
HN1 NH2 A 13 7.78 -1.37 2.18
HN2 NH2 A 13 7.78 -0.35 3.54
N ALA B 1 7.20 3.89 5.04
CA ALA B 1 6.76 3.20 3.79
C ALA B 1 5.48 3.85 3.29
O LE1 B 2 3.34 1.84 0.46
C LE1 B 2 2.87 2.80 1.08
CA LE1 B 2 3.77 3.92 1.56
N LE1 B 2 5.00 3.38 2.14
CB LE1 B 2 4.11 4.85 0.39
C9 LE1 B 2 5.26 4.24 -0.42
C8 LE1 B 2 2.88 5.03 -0.50
SG LE1 B 2 4.62 6.47 1.03
HA LE1 B 2 3.25 4.49 2.32
H LE1 B 2 5.47 2.67 1.67
H9 LE1 B 2 5.11 4.46 -1.46
H9A LE1 B 2 5.29 3.18 -0.27
H9B LE1 B 2 6.20 4.67 -0.09
H8 LE1 B 2 2.87 4.25 -1.25
H8A LE1 B 2 2.93 5.99 -0.99
H8B LE1 B 2 1.99 4.96 0.10
N CYS B 3 1.57 2.90 1.36
CA CYS B 3 0.63 1.87 0.97
C CYS B 3 -0.49 2.45 0.10
N GLU B 4 -1.03 1.63 -0.80
CA GLU B 4 -2.12 2.08 -1.67
C GLU B 4 -3.32 1.15 -1.55
N CYS B 5 -4.49 1.74 -1.35
CA CYS B 5 -5.71 0.94 -1.24
C CYS B 5 -6.80 1.53 -2.11
N GLY B 6 -7.20 0.78 -3.13
CA GLY B 6 -8.23 1.26 -4.04
C GLY B 6 -7.78 2.56 -4.72
N PRO B 7 -8.66 3.53 -4.90
CA PRO B 7 -8.30 4.82 -5.56
C PRO B 7 -7.66 5.82 -4.59
N THR B 8 -6.91 5.32 -3.61
CA THR B 8 -6.25 6.19 -2.64
C THR B 8 -4.98 5.55 -2.09
N ARG B 9 -4.25 6.33 -1.31
CA ARG B 9 -3.01 5.83 -0.72
C ARG B 9 -2.67 6.61 0.56
N GLU B 10 -1.87 5.99 1.42
CA GLU B 10 -1.46 6.64 2.67
C GLU B 10 0.00 6.31 2.99
N CYS B 11 0.69 7.28 3.59
CA CYS B 11 2.09 7.07 3.96
C CYS B 11 2.31 7.40 5.43
N LYS B 12 3.31 6.76 6.03
CA LYS B 12 3.62 6.98 7.43
C LYS B 12 5.03 7.56 7.59
N NH2 B 13 5.22 8.61 8.33
HN1 NH2 B 13 4.46 9.03 8.79
HN2 NH2 B 13 6.12 8.98 8.44
N GLU A 1 10.23 -5.49 -3.51
CA GLU A 1 10.28 -4.88 -2.15
C GLU A 1 8.89 -4.40 -1.75
N CYS A 2 7.88 -5.04 -2.31
CA CYS A 2 6.50 -4.68 -2.01
C CYS A 2 5.71 -5.89 -1.50
N ARG A 3 4.77 -5.61 -0.59
CA ARG A 3 3.93 -6.65 -0.04
C ARG A 3 2.46 -6.27 -0.25
N GLU A 4 1.63 -7.24 -0.61
CA GLU A 4 0.22 -6.98 -0.85
C GLU A 4 -0.68 -7.72 0.12
N TYR A 5 -1.50 -6.95 0.85
CA TYR A 5 -2.42 -7.54 1.81
C TYR A 5 -3.84 -7.08 1.45
N GLY A 6 -4.64 -8.00 0.93
CA GLY A 6 -6.01 -7.65 0.56
C GLY A 6 -6.01 -6.49 -0.45
N PRO A 7 -6.90 -5.52 -0.31
CA PRO A 7 -6.97 -4.36 -1.25
C PRO A 7 -5.80 -3.38 -1.10
O LE1 A 8 -2.33 -4.37 0.27
C LE1 A 8 -2.59 -3.21 -0.08
CA LE1 A 8 -3.95 -2.58 0.23
N LE1 A 8 -5.05 -3.50 -0.01
CB LE1 A 8 -3.96 -2.09 1.68
C9 LE1 A 8 -3.91 -3.30 2.63
C8 LE1 A 8 -2.76 -1.20 1.93
SG LE1 A 8 -5.49 -1.16 1.98
HA LE1 A 8 -4.07 -1.73 -0.41
H LE1 A 8 -5.25 -4.20 0.65
H9 LE1 A 8 -3.05 -3.90 2.40
H9A LE1 A 8 -4.81 -3.89 2.52
H9B LE1 A 8 -3.84 -2.94 3.64
H8 LE1 A 8 -2.62 -0.53 1.09
H8A LE1 A 8 -1.88 -1.80 2.07
H8B LE1 A 8 -2.92 -0.61 2.82
N LYS A 9 -1.74 -2.45 -0.76
CA LYS A 9 -0.41 -2.92 -1.12
C LYS A 9 0.63 -1.90 -0.65
O LE1 A 10 4.39 -2.82 -0.36
C LE1 A 10 3.98 -1.70 -0.09
CA LE1 A 10 2.66 -1.48 0.62
N LE1 A 10 1.62 -2.38 0.11
CB LE1 A 10 2.83 -1.71 2.12
C9 LE1 A 10 3.28 -3.15 2.37
C8 LE1 A 10 3.88 -0.74 2.66
SG LE1 A 10 1.25 -1.42 2.95
HA LE1 A 10 2.35 -0.47 0.46
H LE1 A 10 1.65 -3.33 0.32
H9 LE1 A 10 3.25 -3.70 1.45
H9A LE1 A 10 2.63 -3.61 3.10
H9B LE1 A 10 4.30 -3.14 2.75
H8 LE1 A 10 3.70 0.25 2.26
H8A LE1 A 10 4.87 -1.07 2.37
H8B LE1 A 10 3.81 -0.70 3.74
O LE1 A 11 6.71 1.17 0.33
C LE1 A 11 7.00 0.11 -0.24
CA LE1 A 11 5.95 -0.65 -1.05
N LE1 A 11 4.67 -0.59 -0.37
CB LE1 A 11 5.88 -0.02 -2.43
C9 LE1 A 11 4.96 1.22 -2.38
C8 LE1 A 11 7.27 0.39 -2.89
SG LE1 A 11 5.19 -1.21 -3.61
HA LE1 A 11 6.26 -1.69 -1.14
H LE1 A 11 4.30 0.28 -0.12
H9 LE1 A 11 3.96 0.94 -2.66
H9A LE1 A 11 5.34 1.96 -3.07
H9B LE1 A 11 4.97 1.62 -1.38
H8 LE1 A 11 7.28 0.55 -3.95
H8A LE1 A 11 7.97 -0.39 -2.63
H8B LE1 A 11 7.56 1.31 -2.39
N ALA A 12 8.21 -0.44 -0.19
CA ALA A 12 9.28 0.21 0.54
C ALA A 12 8.84 0.51 1.98
N NH2 A 13 9.18 1.63 2.54
HN1 NH2 A 13 9.71 2.29 2.05
HN2 NH2 A 13 8.89 1.81 3.47
N ALA B 1 7.07 4.00 5.13
CA ALA B 1 6.67 3.36 3.84
C ALA B 1 5.37 3.97 3.36
O LE1 B 2 3.27 1.96 0.51
C LE1 B 2 2.78 2.88 1.15
CA LE1 B 2 3.64 4.04 1.64
N LE1 B 2 4.90 3.53 2.20
CB LE1 B 2 3.95 5.00 0.49
C9 LE1 B 2 5.10 4.44 -0.35
C8 LE1 B 2 2.70 5.15 -0.39
SG LE1 B 2 4.40 6.61 1.16
HA LE1 B 2 3.11 4.57 2.41
H LE1 B 2 5.39 2.83 1.72
H9 LE1 B 2 5.16 3.37 -0.23
H9A LE1 B 2 6.03 4.89 -0.01
H9B LE1 B 2 4.94 4.68 -1.39
H8 LE1 B 2 2.70 6.13 -0.85
H8A LE1 B 2 1.81 5.04 0.22
H8B LE1 B 2 2.71 4.39 -1.16
N CYS B 3 1.50 2.94 1.46
CA CYS B 3 0.57 1.89 1.04
C CYS B 3 -0.52 2.45 0.15
N GLU B 4 -1.01 1.63 -0.77
CA GLU B 4 -2.06 2.05 -1.69
C GLU B 4 -3.32 1.23 -1.50
N CYS B 5 -4.42 1.89 -1.15
CA CYS B 5 -5.69 1.19 -0.97
C CYS B 5 -6.71 1.76 -1.95
N GLY B 6 -7.14 0.94 -2.88
CA GLY B 6 -8.10 1.40 -3.87
C GLY B 6 -7.52 2.56 -4.68
N PRO B 7 -8.31 3.54 -5.07
CA PRO B 7 -7.82 4.71 -5.85
C PRO B 7 -6.97 5.68 -5.02
N THR B 8 -6.98 5.50 -3.70
CA THR B 8 -6.22 6.38 -2.82
C THR B 8 -5.05 5.65 -2.16
N ARG B 9 -4.19 6.40 -1.50
CA ARG B 9 -3.03 5.82 -0.82
C ARG B 9 -2.74 6.57 0.48
N GLU B 10 -2.05 5.91 1.40
CA GLU B 10 -1.72 6.53 2.67
C GLU B 10 -0.27 6.19 3.06
N CYS B 11 0.40 7.15 3.69
CA CYS B 11 1.79 6.93 4.12
C CYS B 11 1.93 7.18 5.61
N LYS B 12 2.90 6.49 6.23
CA LYS B 12 3.13 6.64 7.66
C LYS B 12 1.86 6.31 8.44
N NH2 B 13 1.72 5.14 8.96
HN1 NH2 B 13 2.43 4.46 8.86
HN2 NH2 B 13 0.90 4.91 9.48
N GLU A 1 10.28 -5.60 -3.40
CA GLU A 1 10.34 -5.04 -2.01
C GLU A 1 8.96 -4.52 -1.62
N CYS A 2 7.93 -5.10 -2.21
CA CYS A 2 6.56 -4.69 -1.91
C CYS A 2 5.72 -5.87 -1.46
N ARG A 3 4.74 -5.58 -0.62
CA ARG A 3 3.85 -6.63 -0.11
C ARG A 3 2.40 -6.20 -0.33
N GLU A 4 1.55 -7.16 -0.67
CA GLU A 4 0.13 -6.84 -0.91
C GLU A 4 -0.78 -7.62 0.03
N TYR A 5 -1.54 -6.88 0.82
CA TYR A 5 -2.48 -7.48 1.75
C TYR A 5 -3.88 -7.00 1.42
N GLY A 6 -4.72 -7.88 0.88
CA GLY A 6 -6.06 -7.47 0.51
C GLY A 6 -6.00 -6.29 -0.47
N PRO A 7 -6.84 -5.29 -0.31
CA PRO A 7 -6.83 -4.09 -1.23
C PRO A 7 -5.64 -3.17 -1.01
O LE1 A 8 -2.20 -4.20 0.33
C LE1 A 8 -2.49 -3.05 0.00
CA LE1 A 8 -3.81 -2.42 0.40
N LE1 A 8 -4.95 -3.31 0.12
CB LE1 A 8 -3.74 -2.04 1.90
C9 LE1 A 8 -3.97 -3.26 2.78
C8 LE1 A 8 -2.34 -1.48 2.18
SG LE1 A 8 -4.96 -0.75 2.31
HA LE1 A 8 -3.94 -1.52 -0.16
H LE1 A 8 -5.20 -3.99 0.78
H9 LE1 A 8 -3.21 -4.00 2.56
H9A LE1 A 8 -4.95 -3.66 2.60
H9B LE1 A 8 -3.88 -2.97 3.82
H8 LE1 A 8 -2.38 -0.82 3.03
H8A LE1 A 8 -1.99 -0.94 1.32
H8B LE1 A 8 -1.67 -2.30 2.40
N LYS A 9 -1.67 -2.27 -0.70
CA LYS A 9 -0.36 -2.73 -1.15
C LYS A 9 0.71 -1.75 -0.64
O LE1 A 10 4.38 -2.77 -0.51
C LE1 A 10 4.08 -1.67 -0.07
CA LE1 A 10 2.75 -1.43 0.63
N LE1 A 10 1.70 -2.28 0.08
CB LE1 A 10 2.90 -1.69 2.12
C9 LE1 A 10 3.32 -3.15 2.34
C8 LE1 A 10 3.98 -0.77 2.70
SG LE1 A 10 1.33 -1.38 2.96
HA LE1 A 10 2.46 -0.39 0.49
H LE1 A 10 1.70 -3.24 0.26
H9 LE1 A 10 4.28 -3.32 1.88
H9A LE1 A 10 2.58 -3.80 1.91
H9B LE1 A 10 3.40 -3.35 3.40
H8 LE1 A 10 3.79 -0.60 3.74
H8A LE1 A 10 3.96 0.18 2.17
H8B LE1 A 10 4.95 -1.23 2.57
O LE1 A 11 7.02 1.07 0.63
C LE1 A 11 7.24 -0.03 0.12
CA LE1 A 11 6.19 -0.69 -0.77
N LE1 A 11 4.88 -0.61 -0.15
CB LE1 A 11 6.18 0.00 -2.13
C9 LE1 A 11 5.36 1.30 -2.03
C8 LE1 A 11 7.62 0.35 -2.55
SG LE1 A 11 5.45 -1.09 -3.36
HA LE1 A 11 6.46 -1.73 -0.90
H LE1 A 11 4.58 0.25 0.23
H9 LE1 A 11 5.74 2.02 -2.74
H9A LE1 A 11 5.43 1.70 -1.03
H9B LE1 A 11 4.33 1.08 -2.26
H8 LE1 A 11 7.96 1.19 -1.98
H8A LE1 A 11 7.64 0.58 -3.59
H8B LE1 A 11 8.25 -0.50 -2.36
N ALA A 12 8.36 -0.71 0.31
CA ALA A 12 9.44 -0.18 1.16
C ALA A 12 10.79 -0.49 0.55
N NH2 A 13 11.47 0.46 -0.05
HN1 NH2 A 13 11.09 1.36 -0.10
HN2 NH2 A 13 12.35 0.26 -0.44
N ALA B 1 7.88 4.50 4.15
CA ALA B 1 7.03 3.48 3.47
C ALA B 1 5.68 4.11 3.13
O LE1 B 2 3.34 2.03 0.49
C LE1 B 2 2.86 2.95 1.16
CA LE1 B 2 3.73 4.08 1.67
N LE1 B 2 5.04 3.58 2.09
CB LE1 B 2 3.92 5.13 0.57
C9 LE1 B 2 4.99 4.67 -0.41
C8 LE1 B 2 2.59 5.33 -0.18
SG LE1 B 2 4.42 6.71 1.31
HA LE1 B 2 3.25 4.55 2.51
H LE1 B 2 5.45 2.82 1.60
H9 LE1 B 2 5.95 4.65 0.09
H9A LE1 B 2 5.04 5.35 -1.25
H9B LE1 B 2 4.75 3.68 -0.76
H8 LE1 B 2 1.78 5.23 0.51
H8A LE1 B 2 2.51 4.57 -0.94
H8B LE1 B 2 2.58 6.31 -0.63
N CYS B 3 1.58 2.99 1.48
CA CYS B 3 0.65 1.96 1.06
C CYS B 3 -0.49 2.55 0.21
N GLU B 4 -1.01 1.74 -0.71
CA GLU B 4 -2.10 2.18 -1.57
C GLU B 4 -3.29 1.23 -1.50
N CYS B 5 -4.48 1.78 -1.31
CA CYS B 5 -5.69 0.98 -1.24
C CYS B 5 -6.73 1.54 -2.20
N GLY B 6 -7.03 0.78 -3.25
CA GLY B 6 -8.00 1.23 -4.22
C GLY B 6 -7.54 2.55 -4.85
N PRO B 7 -8.44 3.45 -5.17
CA PRO B 7 -8.07 4.77 -5.77
C PRO B 7 -7.36 5.68 -4.76
N THR B 8 -7.50 5.37 -3.47
CA THR B 8 -6.86 6.17 -2.44
C THR B 8 -5.51 5.61 -2.04
N ARG B 9 -4.73 6.42 -1.34
CA ARG B 9 -3.40 6.00 -0.88
C ARG B 9 -3.03 6.70 0.42
N GLU B 10 -2.25 6.02 1.25
CA GLU B 10 -1.83 6.60 2.54
C GLU B 10 -0.39 6.21 2.86
N CYS B 11 0.29 7.05 3.63
CA CYS B 11 1.67 6.76 4.02
C CYS B 11 1.81 6.72 5.54
N LYS B 12 2.76 5.93 6.02
CA LYS B 12 2.97 5.80 7.45
C LYS B 12 3.12 7.19 8.10
N NH2 B 13 2.61 7.40 9.28
HN1 NH2 B 13 2.13 6.67 9.75
HN2 NH2 B 13 2.69 8.28 9.70
N GLU A 1 10.28 -5.57 -3.45
CA GLU A 1 10.32 -4.97 -2.09
C GLU A 1 8.94 -4.47 -1.71
N CYS A 2 7.93 -5.11 -2.27
CA CYS A 2 6.55 -4.73 -2.00
C CYS A 2 5.74 -5.92 -1.47
N ARG A 3 4.77 -5.61 -0.63
CA ARG A 3 3.89 -6.64 -0.08
C ARG A 3 2.44 -6.24 -0.29
N GLU A 4 1.59 -7.21 -0.62
CA GLU A 4 0.18 -6.92 -0.86
C GLU A 4 -0.73 -7.68 0.08
N TYR A 5 -1.53 -6.94 0.83
CA TYR A 5 -2.48 -7.53 1.76
C TYR A 5 -3.88 -7.05 1.43
N GLY A 6 -4.70 -7.93 0.88
CA GLY A 6 -6.05 -7.54 0.52
C GLY A 6 -6.00 -6.35 -0.46
N PRO A 7 -6.84 -5.34 -0.29
CA PRO A 7 -6.85 -4.15 -1.19
C PRO A 7 -5.66 -3.22 -0.98
O LE1 A 8 -2.18 -4.24 0.33
C LE1 A 8 -2.49 -3.11 -0.03
CA LE1 A 8 -3.81 -2.48 0.41
N LE1 A 8 -4.95 -3.37 0.14
CB LE1 A 8 -3.71 -2.11 1.90
C9 LE1 A 8 -3.96 -3.31 2.80
C8 LE1 A 8 -2.29 -1.59 2.17
SG LE1 A 8 -4.89 -0.78 2.32
HA LE1 A 8 -3.95 -1.57 -0.15
H LE1 A 8 -5.18 -4.07 0.78
H9 LE1 A 8 -3.22 -4.07 2.59
H9A LE1 A 8 -4.95 -3.71 2.60
H9B LE1 A 8 -3.90 -3.02 3.83
H8 LE1 A 8 -2.30 -0.96 3.05
H8A LE1 A 8 -1.95 -1.02 1.32
H8B LE1 A 8 -1.63 -2.43 2.34
N LYS A 9 -1.71 -2.33 -0.78
CA LYS A 9 -0.41 -2.79 -1.25
C LYS A 9 0.67 -1.82 -0.75
O LE1 A 10 4.33 -2.82 -0.67
C LE1 A 10 4.02 -1.72 -0.23
CA LE1 A 10 2.72 -1.51 0.50
N LE1 A 10 1.65 -2.34 -0.04
CB LE1 A 10 2.91 -1.81 1.99
C9 LE1 A 10 3.31 -3.28 2.17
C8 LE1 A 10 4.00 -0.92 2.56
SG LE1 A 10 1.36 -1.51 2.87
HA LE1 A 10 2.42 -0.47 0.41
H LE1 A 10 1.65 -3.30 0.15
H9 LE1 A 10 3.49 -3.49 3.21
H9A LE1 A 10 4.22 -3.47 1.61
H9B LE1 A 10 2.52 -3.92 1.79
H8 LE1 A 10 3.85 -0.77 3.61
H8A LE1 A 10 3.98 0.04 2.06
H8B LE1 A 10 4.97 -1.37 2.40
O LE1 A 11 6.86 1.16 0.31
C LE1 A 11 7.12 0.07 -0.19
CA LE1 A 11 6.08 -0.70 -1.01
N LE1 A 11 4.80 -0.64 -0.34
CB LE1 A 11 6.00 -0.07 -2.41
C9 LE1 A 11 5.13 1.19 -2.36
C8 LE1 A 11 7.41 0.30 -2.88
SG LE1 A 11 5.27 -1.27 -3.55
HA LE1 A 11 6.39 -1.72 -1.10
H LE1 A 11 4.49 0.20 0.04
H9 LE1 A 11 5.54 1.94 -3.01
H9A LE1 A 11 5.11 1.57 -1.35
H9B LE1 A 11 4.13 0.94 -2.66
H8 LE1 A 11 8.09 -0.52 -2.66
H8A LE1 A 11 7.73 1.19 -2.38
H8B LE1 A 11 7.39 0.46 -3.96
N ALA A 12 8.31 -0.52 -0.05
CA ALA A 12 9.38 0.12 0.71
C ALA A 12 9.00 0.22 2.19
N NH2 A 13 8.08 -0.58 2.67
HN1 NH2 A 13 7.65 -1.24 2.09
HN2 NH2 A 13 7.83 -0.51 3.62
N ALA B 1 7.28 3.91 5.12
CA ALA B 1 6.87 3.29 3.83
C ALA B 1 5.57 3.94 3.36
O LE1 B 2 3.36 1.91 0.55
C LE1 B 2 2.89 2.84 1.20
CA LE1 B 2 3.79 3.97 1.70
N LE1 B 2 5.02 3.43 2.25
CB LE1 B 2 4.10 4.93 0.56
C9 LE1 B 2 5.25 4.37 -0.28
C8 LE1 B 2 2.86 5.10 -0.32
SG LE1 B 2 4.57 6.54 1.24
HA LE1 B 2 3.26 4.50 2.48
H LE1 B 2 5.46 2.68 1.81
H9 LE1 B 2 5.29 3.30 -0.16
H9A LE1 B 2 6.19 4.79 0.07
H9B LE1 B 2 5.10 4.62 -1.31
H8 LE1 B 2 2.86 4.34 -1.08
H8A LE1 B 2 2.88 6.08 -0.78
H8B LE1 B 2 1.97 5.01 0.28
N CYS B 3 1.60 2.91 1.51
CA CYS B 3 0.66 1.87 1.11
C CYS B 3 -0.47 2.48 0.27
N GLU B 4 -1.03 1.68 -0.64
CA GLU B 4 -2.12 2.14 -1.49
C GLU B 4 -3.31 1.19 -1.44
N CYS B 5 -4.49 1.75 -1.21
CA CYS B 5 -5.71 0.95 -1.17
C CYS B 5 -6.73 1.53 -2.13
N GLY B 6 -7.04 0.78 -3.19
CA GLY B 6 -7.99 1.26 -4.17
C GLY B 6 -7.48 2.55 -4.80
N PRO B 7 -8.34 3.47 -5.15
CA PRO B 7 -7.92 4.77 -5.77
C PRO B 7 -7.21 5.68 -4.77
N THR B 8 -7.37 5.39 -3.47
CA THR B 8 -6.74 6.20 -2.44
C THR B 8 -5.36 5.65 -2.06
N ARG B 9 -4.59 6.47 -1.35
CA ARG B 9 -3.26 6.07 -0.91
C ARG B 9 -2.90 6.76 0.40
N GLU B 10 -2.08 6.10 1.21
CA GLU B 10 -1.67 6.66 2.50
C GLU B 10 -0.24 6.25 2.85
N CYS B 11 0.46 7.11 3.58
CA CYS B 11 1.82 6.84 3.99
C CYS B 11 1.97 6.93 5.50
N LYS B 12 2.90 6.16 6.06
CA LYS B 12 3.12 6.17 7.49
C LYS B 12 3.93 7.39 7.91
N NH2 B 13 3.65 8.01 9.03
HN1 NH2 B 13 2.92 7.67 9.60
HN2 NH2 B 13 4.17 8.79 9.30
N GLU A 1 11.02 -3.79 -2.60
CA GLU A 1 10.30 -4.84 -1.82
C GLU A 1 8.88 -4.38 -1.54
N CYS A 2 7.92 -5.10 -2.11
CA CYS A 2 6.52 -4.75 -1.92
C CYS A 2 5.71 -5.95 -1.42
N ARG A 3 4.68 -5.66 -0.64
CA ARG A 3 3.81 -6.70 -0.10
C ARG A 3 2.36 -6.31 -0.35
N GLU A 4 1.51 -7.29 -0.62
CA GLU A 4 0.10 -7.00 -0.89
C GLU A 4 -0.82 -7.74 0.08
N TYR A 5 -1.61 -6.99 0.82
CA TYR A 5 -2.56 -7.57 1.75
C TYR A 5 -3.95 -7.07 1.42
N GLY A 6 -4.79 -7.94 0.89
CA GLY A 6 -6.14 -7.52 0.53
C GLY A 6 -6.08 -6.34 -0.44
N PRO A 7 -6.90 -5.33 -0.28
CA PRO A 7 -6.90 -4.14 -1.18
C PRO A 7 -5.70 -3.21 -0.97
O LE1 A 8 -2.22 -4.27 0.36
C LE1 A 8 -2.54 -3.14 -0.01
CA LE1 A 8 -3.85 -2.49 0.42
N LE1 A 8 -4.98 -3.37 0.15
CB LE1 A 8 -3.75 -2.12 1.91
C9 LE1 A 8 -4.01 -3.34 2.80
C8 LE1 A 8 -2.33 -1.61 2.18
SG LE1 A 8 -4.92 -0.80 2.33
HA LE1 A 8 -3.98 -1.59 -0.15
H LE1 A 8 -5.24 -4.07 0.78
H9 LE1 A 8 -4.99 -3.73 2.61
H9A LE1 A 8 -3.92 -3.04 3.84
H9B LE1 A 8 -3.26 -4.09 2.59
H8 LE1 A 8 -2.34 -0.97 3.05
H8A LE1 A 8 -1.99 -1.05 1.32
H8B LE1 A 8 -1.67 -2.44 2.36
N LYS A 9 -1.75 -2.37 -0.76
CA LYS A 9 -0.45 -2.84 -1.22
C LYS A 9 0.64 -1.88 -0.75
O LE1 A 10 4.29 -2.88 -0.75
C LE1 A 10 3.99 -1.78 -0.30
CA LE1 A 10 2.70 -1.57 0.48
N LE1 A 10 1.63 -2.40 -0.04
CB LE1 A 10 2.93 -1.87 1.96
C9 LE1 A 10 3.34 -3.35 2.11
C8 LE1 A 10 4.03 -0.98 2.50
SG LE1 A 10 1.40 -1.58 2.87
HA LE1 A 10 2.41 -0.54 0.39
H LE1 A 10 1.63 -3.36 0.14
H9 LE1 A 10 3.34 -3.83 1.15
H9A LE1 A 10 2.64 -3.84 2.77
H9B LE1 A 10 4.33 -3.40 2.54
H8 LE1 A 10 4.00 -0.02 2.00
H8A LE1 A 10 5.00 -1.44 2.33
H8B LE1 A 10 3.89 -0.84 3.56
O LE1 A 11 6.87 1.05 0.14
C LE1 A 11 7.10 -0.04 -0.37
CA LE1 A 11 6.02 -0.77 -1.16
N LE1 A 11 4.75 -0.71 -0.45
CB LE1 A 11 5.89 -0.11 -2.54
C9 LE1 A 11 4.88 1.03 -2.46
C8 LE1 A 11 7.25 0.42 -2.97
SG LE1 A 11 5.31 -1.34 -3.74
HA LE1 A 11 6.30 -1.80 -1.29
H LE1 A 11 4.46 0.15 -0.06
H9 LE1 A 11 5.11 1.77 -3.22
H9A LE1 A 11 4.94 1.50 -1.50
H9B LE1 A 11 3.88 0.65 -2.63
H8 LE1 A 11 7.45 1.35 -2.45
H8A LE1 A 11 7.25 0.60 -4.04
H8B LE1 A 11 8.02 -0.30 -2.73
N ALA A 12 8.26 -0.67 -0.28
CA ALA A 12 9.37 -0.06 0.45
C ALA A 12 8.91 0.36 1.84
N NH2 A 13 9.35 1.47 2.37
HN1 NH2 A 13 9.98 2.03 1.87
HN2 NH2 A 13 9.06 1.74 3.26
N ALA B 1 7.25 3.63 5.11
CA ALA B 1 6.84 3.04 3.81
C ALA B 1 5.55 3.71 3.35
O LE1 B 2 3.36 1.82 0.46
C LE1 B 2 2.92 2.74 1.13
CA LE1 B 2 3.84 3.86 1.63
N LE1 B 2 5.07 3.29 2.18
CB LE1 B 2 4.16 4.81 0.48
C9 LE1 B 2 5.29 4.22 -0.37
C8 LE1 B 2 2.92 5.02 -0.39
SG LE1 B 2 4.69 6.41 1.16
HA LE1 B 2 3.33 4.41 2.41
H LE1 B 2 5.54 2.60 1.67
H9 LE1 B 2 5.13 4.47 -1.41
H9A LE1 B 2 5.31 3.15 -0.24
H9B LE1 B 2 6.24 4.63 -0.04
H8 LE1 B 2 2.03 4.93 0.22
H8A LE1 B 2 2.90 4.26 -1.16
H8B LE1 B 2 2.95 5.99 -0.84
N CYS B 3 1.64 2.83 1.49
CA CYS B 3 0.67 1.80 1.09
C CYS B 3 -0.46 2.41 0.28
N GLU B 4 -1.02 1.63 -0.64
CA GLU B 4 -2.12 2.11 -1.48
C GLU B 4 -3.32 1.18 -1.42
N CYS B 5 -4.49 1.74 -1.20
CA CYS B 5 -5.73 0.95 -1.17
C CYS B 5 -6.74 1.55 -2.12
N GLY B 6 -7.06 0.81 -3.16
CA GLY B 6 -8.02 1.30 -4.15
C GLY B 6 -7.49 2.59 -4.77
N PRO B 7 -8.35 3.52 -5.12
CA PRO B 7 -7.91 4.82 -5.73
C PRO B 7 -7.18 5.72 -4.73
N THR B 8 -7.33 5.42 -3.44
CA THR B 8 -6.69 6.23 -2.41
C THR B 8 -5.32 5.67 -2.05
N ARG B 9 -4.53 6.49 -1.35
CA ARG B 9 -3.20 6.07 -0.92
C ARG B 9 -2.82 6.76 0.39
N GLU B 10 -1.99 6.08 1.18
CA GLU B 10 -1.56 6.64 2.47
C GLU B 10 -0.13 6.20 2.79
N CYS B 11 0.58 7.05 3.53
CA CYS B 11 1.96 6.72 3.92
C CYS B 11 2.11 6.80 5.43
N LYS B 12 3.03 5.99 5.97
CA LYS B 12 3.25 5.96 7.40
C LYS B 12 4.75 5.89 7.70
N NH2 B 13 5.32 6.87 8.34
HN1 NH2 B 13 4.80 7.66 8.62
HN2 NH2 B 13 6.29 6.84 8.53
N GLU A 1 11.01 -3.74 -2.56
CA GLU A 1 10.34 -4.77 -1.72
C GLU A 1 8.89 -4.35 -1.47
N CYS A 2 7.96 -5.07 -2.07
CA CYS A 2 6.54 -4.75 -1.90
C CYS A 2 5.75 -5.96 -1.42
N ARG A 3 4.71 -5.68 -0.65
CA ARG A 3 3.83 -6.73 -0.13
C ARG A 3 2.38 -6.34 -0.38
N GLU A 4 1.53 -7.31 -0.69
CA GLU A 4 0.13 -7.02 -0.94
C GLU A 4 -0.78 -7.76 0.03
N TYR A 5 -1.59 -7.01 0.76
CA TYR A 5 -2.53 -7.60 1.70
C TYR A 5 -3.94 -7.13 1.36
N GLY A 6 -4.76 -8.03 0.83
CA GLY A 6 -6.12 -7.67 0.47
C GLY A 6 -6.12 -6.50 -0.52
N PRO A 7 -6.99 -5.51 -0.36
CA PRO A 7 -7.06 -4.34 -1.28
C PRO A 7 -5.89 -3.38 -1.12
O LE1 A 8 -2.43 -4.42 0.09
C LE1 A 8 -2.66 -3.24 -0.17
CA LE1 A 8 -4.00 -2.60 0.19
N LE1 A 8 -5.11 -3.51 -0.05
CB LE1 A 8 -3.98 -2.15 1.65
C9 LE1 A 8 -3.91 -3.37 2.57
C8 LE1 A 8 -2.77 -1.26 1.88
SG LE1 A 8 -5.50 -1.22 1.99
HA LE1 A 8 -4.13 -1.73 -0.44
H LE1 A 8 -5.32 -4.21 0.60
H9 LE1 A 8 -3.76 -3.04 3.59
H9A LE1 A 8 -3.08 -3.99 2.27
H9B LE1 A 8 -4.83 -3.93 2.50
H8 LE1 A 8 -2.66 -0.58 1.06
H8A LE1 A 8 -1.89 -1.87 1.98
H8B LE1 A 8 -2.92 -0.70 2.80
N LYS A 9 -1.79 -2.44 -0.76
CA LYS A 9 -0.46 -2.90 -1.15
C LYS A 9 0.60 -1.92 -0.64
O LE1 A 10 4.35 -2.90 -0.50
C LE1 A 10 3.98 -1.77 -0.19
CA LE1 A 10 2.67 -1.56 0.56
N LE1 A 10 1.62 -2.43 0.03
CB LE1 A 10 2.88 -1.85 2.05
C9 LE1 A 10 3.37 -3.28 2.24
C8 LE1 A 10 3.94 -0.88 2.59
SG LE1 A 10 1.33 -1.60 2.94
HA LE1 A 10 2.37 -0.54 0.45
H LE1 A 10 1.67 -3.39 0.17
H9 LE1 A 10 4.34 -3.39 1.80
H9A LE1 A 10 2.67 -3.96 1.76
H9B LE1 A 10 3.41 -3.51 3.30
H8 LE1 A 10 3.89 -0.88 3.68
H8A LE1 A 10 3.75 0.11 2.22
H8B LE1 A 10 4.92 -1.20 2.28
O LE1 A 11 6.75 1.13 0.10
C LE1 A 11 6.99 0.03 -0.38
CA LE1 A 11 5.94 -0.73 -1.16
N LE1 A 11 4.67 -0.67 -0.46
CB LE1 A 11 5.82 -0.12 -2.56
C9 LE1 A 11 4.80 1.03 -2.53
C8 LE1 A 11 7.19 0.42 -2.98
SG LE1 A 11 5.28 -1.38 -3.74
HA LE1 A 11 6.24 -1.77 -1.26
H LE1 A 11 4.32 0.20 -0.18
H9 LE1 A 11 5.06 1.75 -3.29
H9A LE1 A 11 4.82 1.49 -1.56
H9B LE1 A 11 3.82 0.63 -2.72
H8 LE1 A 11 7.20 0.58 -4.05
H8A LE1 A 11 7.96 -0.28 -2.71
H8B LE1 A 11 7.37 1.37 -2.49
N ALA A 12 8.17 -0.56 -0.26
CA ALA A 12 9.26 0.08 0.46
C ALA A 12 8.78 0.50 1.84
N NH2 A 13 9.23 1.61 2.37
HN1 NH2 A 13 9.87 2.16 1.88
HN2 NH2 A 13 8.93 1.89 3.27
N ALA B 1 6.88 3.34 5.33
CA ALA B 1 6.47 2.71 4.04
C ALA B 1 5.17 3.35 3.55
O LE1 B 2 3.23 1.79 0.48
C LE1 B 2 2.79 2.70 1.18
CA LE1 B 2 3.71 3.81 1.67
N LE1 B 2 4.92 3.25 2.25
CB LE1 B 2 4.06 4.73 0.50
C9 LE1 B 2 4.72 3.93 -0.62
C8 LE1 B 2 2.78 5.38 -0.04
SG LE1 B 2 5.20 6.05 1.04
HA LE1 B 2 3.19 4.39 2.42
H LE1 B 2 5.56 2.77 1.68
H9 LE1 B 2 5.44 3.25 -0.18
H9A LE1 B 2 5.23 4.60 -1.30
H9B LE1 B 2 3.97 3.36 -1.16
H8 LE1 B 2 1.94 5.11 0.60
H8A LE1 B 2 2.59 5.02 -1.04
H8B LE1 B 2 2.89 6.45 -0.07
N CYS B 3 1.52 2.77 1.56
CA CYS B 3 0.56 1.76 1.17
C CYS B 3 -0.57 2.37 0.35
N GLU B 4 -0.97 1.68 -0.71
CA GLU B 4 -2.04 2.17 -1.57
C GLU B 4 -3.29 1.30 -1.42
N CYS B 5 -4.40 1.93 -1.07
CA CYS B 5 -5.66 1.20 -0.92
C CYS B 5 -6.69 1.74 -1.90
N GLY B 6 -7.10 0.90 -2.83
CA GLY B 6 -8.08 1.34 -3.82
C GLY B 6 -7.54 2.55 -4.59
N PRO B 7 -8.39 3.49 -4.97
CA PRO B 7 -7.93 4.71 -5.71
C PRO B 7 -7.12 5.66 -4.82
N THR B 8 -7.22 5.48 -3.51
CA THR B 8 -6.50 6.34 -2.58
C THR B 8 -5.23 5.66 -2.06
N ARG B 9 -4.35 6.45 -1.44
CA ARG B 9 -3.11 5.91 -0.90
C ARG B 9 -2.65 6.74 0.30
N GLU B 10 -1.94 6.09 1.22
CA GLU B 10 -1.44 6.77 2.41
C GLU B 10 -0.06 6.23 2.79
N CYS B 11 0.77 7.11 3.37
CA CYS B 11 2.11 6.73 3.79
C CYS B 11 2.37 7.20 5.21
N LYS B 12 3.43 6.69 5.81
CA LYS B 12 3.79 7.06 7.17
C LYS B 12 5.25 6.74 7.45
N NH2 B 13 5.96 7.57 8.16
HN1 NH2 B 13 5.56 8.40 8.51
HN2 NH2 B 13 6.91 7.36 8.35
N GLU A 1 11.27 -4.13 -2.10
CA GLU A 1 10.34 -5.26 -1.79
C GLU A 1 8.98 -4.71 -1.43
N CYS A 2 7.95 -5.27 -2.04
CA CYS A 2 6.58 -4.84 -1.78
C CYS A 2 5.72 -5.99 -1.28
N ARG A 3 4.74 -5.66 -0.45
CA ARG A 3 3.83 -6.67 0.08
C ARG A 3 2.39 -6.23 -0.15
N GLU A 4 1.53 -7.18 -0.51
CA GLU A 4 0.13 -6.86 -0.77
C GLU A 4 -0.81 -7.63 0.15
N TYR A 5 -1.61 -6.89 0.90
CA TYR A 5 -2.59 -7.50 1.80
C TYR A 5 -3.98 -6.99 1.42
N GLY A 6 -4.80 -7.87 0.86
CA GLY A 6 -6.14 -7.44 0.47
C GLY A 6 -6.06 -6.26 -0.51
N PRO A 7 -6.89 -5.25 -0.37
CA PRO A 7 -6.86 -4.05 -1.27
C PRO A 7 -5.65 -3.15 -1.05
O LE1 A 8 -2.24 -4.22 0.34
C LE1 A 8 -2.52 -3.08 -0.02
CA LE1 A 8 -3.84 -2.42 0.37
N LE1 A 8 -4.97 -3.28 0.09
CB LE1 A 8 -3.77 -2.03 1.86
C9 LE1 A 8 -3.98 -3.25 2.75
C8 LE1 A 8 -2.38 -1.45 2.14
SG LE1 A 8 -5.00 -0.75 2.28
HA LE1 A 8 -3.95 -1.52 -0.21
H LE1 A 8 -5.26 -3.96 0.75
H9 LE1 A 8 -4.97 -3.65 2.60
H9A LE1 A 8 -3.87 -2.96 3.79
H9B LE1 A 8 -3.24 -4.00 2.51
H8 LE1 A 8 -1.70 -2.27 2.39
H8A LE1 A 8 -2.42 -0.77 2.97
H8B LE1 A 8 -2.02 -0.94 1.26
N LYS A 9 -1.69 -2.31 -0.74
CA LYS A 9 -0.38 -2.79 -1.15
C LYS A 9 0.70 -1.80 -0.72
O LE1 A 10 4.36 -2.82 -0.54
C LE1 A 10 4.06 -1.68 -0.18
CA LE1 A 10 2.74 -1.40 0.52
N LE1 A 10 1.68 -2.29 0.04
CB LE1 A 10 2.92 -1.58 2.03
C9 LE1 A 10 3.41 -3.00 2.32
C8 LE1 A 10 3.96 -0.58 2.54
SG LE1 A 10 1.34 -1.29 2.87
HA LE1 A 10 2.45 -0.38 0.33
H LE1 A 10 1.68 -3.23 0.29
H9 LE1 A 10 4.47 -2.99 2.46
H9A LE1 A 10 3.15 -3.64 1.49
H9B LE1 A 10 2.92 -3.37 3.21
H8 LE1 A 10 4.96 -0.96 2.32
H8A LE1 A 10 3.85 -0.45 3.60
H8B LE1 A 10 3.81 0.37 2.04
O LE1 A 11 6.98 1.07 0.33
C LE1 A 11 7.20 -0.03 -0.17
CA LE1 A 11 6.14 -0.74 -1.01
N LE1 A 11 4.84 -0.62 -0.37
CB LE1 A 11 6.09 -0.11 -2.40
C9 LE1 A 11 5.16 1.10 -2.40
C8 LE1 A 11 7.50 0.34 -2.81
SG LE1 A 11 5.48 -1.33 -3.60
HA LE1 A 11 6.39 -1.78 -1.10
H LE1 A 11 4.53 0.26 -0.05
H9 LE1 A 11 5.40 1.73 -1.55
H9A LE1 A 11 4.14 0.76 -2.31
H9B LE1 A 11 5.29 1.66 -3.31
H8 LE1 A 11 7.55 0.47 -3.88
H8A LE1 A 11 8.22 -0.42 -2.52
H8B LE1 A 11 7.73 1.27 -2.32
N ALA A 12 8.36 -0.67 -0.04
CA ALA A 12 9.45 -0.08 0.75
C ALA A 12 10.79 -0.45 0.13
N NH2 A 13 11.61 0.50 -0.25
HN1 NH2 A 13 11.34 1.44 -0.14
HN2 NH2 A 13 12.48 0.27 -0.64
N ALA B 1 7.80 4.50 3.85
CA ALA B 1 7.07 3.63 2.88
C ALA B 1 5.67 4.20 2.66
O LE1 B 2 3.28 2.06 0.19
C LE1 B 2 2.79 2.98 0.84
CA LE1 B 2 3.64 4.14 1.32
N LE1 B 2 4.99 3.69 1.63
CB LE1 B 2 3.69 5.23 0.24
C9 LE1 B 2 4.71 4.85 -0.84
C8 LE1 B 2 2.30 5.39 -0.39
SG LE1 B 2 4.19 6.81 1.00
HA LE1 B 2 3.20 4.56 2.21
H LE1 B 2 5.41 2.99 1.07
H9 LE1 B 2 4.35 5.19 -1.80
H9A LE1 B 2 4.81 3.78 -0.86
H9B LE1 B 2 5.66 5.30 -0.62
H8 LE1 B 2 2.17 4.63 -1.15
H8A LE1 B 2 2.23 6.37 -0.84
H8B LE1 B 2 1.55 5.30 0.37
N CYS B 3 1.51 3.01 1.21
CA CYS B 3 0.59 1.93 0.84
C CYS B 3 -0.53 2.47 -0.04
N GLU B 4 -1.02 1.63 -0.95
CA GLU B 4 -2.10 2.04 -1.86
C GLU B 4 -3.32 1.14 -1.69
N CYS B 5 -4.47 1.75 -1.44
CA CYS B 5 -5.72 1.00 -1.32
C CYS B 5 -6.77 1.62 -2.22
N GLY B 6 -7.12 0.90 -3.26
CA GLY B 6 -8.11 1.40 -4.20
C GLY B 6 -7.63 2.72 -4.81
N PRO B 7 -8.50 3.66 -5.09
CA PRO B 7 -8.11 4.97 -5.67
C PRO B 7 -7.33 5.85 -4.68
N THR B 8 -7.40 5.51 -3.40
CA THR B 8 -6.71 6.29 -2.38
C THR B 8 -5.45 5.58 -1.89
N ARG B 9 -4.61 6.32 -1.15
CA ARG B 9 -3.38 5.75 -0.61
C ARG B 9 -3.04 6.42 0.72
N GLU B 10 -2.25 5.73 1.54
CA GLU B 10 -1.84 6.26 2.83
C GLU B 10 -0.36 5.98 3.07
N CYS B 11 0.33 6.91 3.72
CA CYS B 11 1.75 6.74 4.01
C CYS B 11 2.00 6.76 5.52
N LYS B 12 3.04 6.06 5.94
CA LYS B 12 3.38 5.99 7.36
C LYS B 12 4.90 5.99 7.53
N NH2 B 13 5.44 6.76 8.45
HN1 NH2 B 13 4.87 7.33 9.00
HN2 NH2 B 13 6.41 6.76 8.57
N GLU A 1 11.18 -3.82 -2.17
CA GLU A 1 10.31 -4.97 -1.80
C GLU A 1 8.91 -4.46 -1.49
N CYS A 2 7.90 -5.15 -2.02
CA CYS A 2 6.52 -4.75 -1.79
C CYS A 2 5.70 -5.92 -1.24
N ARG A 3 4.68 -5.59 -0.46
CA ARG A 3 3.80 -6.60 0.11
C ARG A 3 2.36 -6.25 -0.20
N GLU A 4 1.52 -7.27 -0.41
CA GLU A 4 0.12 -7.01 -0.74
C GLU A 4 -0.82 -7.74 0.23
N TYR A 5 -1.68 -6.96 0.88
CA TYR A 5 -2.65 -7.52 1.80
C TYR A 5 -4.04 -7.02 1.41
N GLY A 6 -4.86 -7.88 0.83
CA GLY A 6 -6.18 -7.45 0.42
C GLY A 6 -6.08 -6.27 -0.55
N PRO A 7 -6.90 -5.24 -0.40
CA PRO A 7 -6.87 -4.05 -1.31
C PRO A 7 -5.66 -3.14 -1.07
O LE1 A 8 -2.23 -4.24 0.22
C LE1 A 8 -2.51 -3.08 -0.09
CA LE1 A 8 -3.83 -2.44 0.34
N LE1 A 8 -4.97 -3.31 0.05
CB LE1 A 8 -3.74 -2.06 1.83
C9 LE1 A 8 -4.03 -3.27 2.72
C8 LE1 A 8 -2.32 -1.57 2.12
SG LE1 A 8 -4.91 -0.73 2.24
HA LE1 A 8 -3.95 -1.53 -0.23
H LE1 A 8 -5.23 -3.99 0.70
H9 LE1 A 8 -5.01 -3.65 2.52
H9A LE1 A 8 -3.95 -2.99 3.76
H9B LE1 A 8 -3.30 -4.05 2.51
H8 LE1 A 8 -1.67 -2.41 2.30
H8A LE1 A 8 -2.34 -0.93 3.00
H8B LE1 A 8 -1.96 -1.01 1.27
N LYS A 9 -1.70 -2.29 -0.79
CA LYS A 9 -0.39 -2.74 -1.26
C LYS A 9 0.68 -1.77 -0.76
O LE1 A 10 4.33 -2.82 -0.70
C LE1 A 10 4.06 -1.70 -0.24
CA LE1 A 10 2.74 -1.45 0.48
N LE1 A 10 1.68 -2.29 -0.04
CB LE1 A 10 2.93 -1.69 1.98
C9 LE1 A 10 3.44 -3.12 2.20
C8 LE1 A 10 3.95 -0.69 2.53
SG LE1 A 10 1.35 -1.46 2.83
HA LE1 A 10 2.47 -0.42 0.34
H LE1 A 10 1.69 -3.26 0.14
H9 LE1 A 10 4.52 -3.11 2.20
H9A LE1 A 10 3.08 -3.75 1.42
H9B LE1 A 10 3.09 -3.48 3.16
H8 LE1 A 10 3.75 0.28 2.14
H8A LE1 A 10 4.95 -1.01 2.24
H8B LE1 A 10 3.90 -0.68 3.61
O LE1 A 11 7.05 1.03 0.34
C LE1 A 11 7.25 -0.09 -0.15
CA LE1 A 11 6.17 -0.77 -0.98
N LE1 A 11 4.88 -0.66 -0.33
CB LE1 A 11 6.12 -0.15 -2.37
C9 LE1 A 11 5.28 1.13 -2.33
C8 LE1 A 11 7.54 0.20 -2.83
SG LE1 A 11 5.39 -1.32 -3.54
HA LE1 A 11 6.43 -1.82 -1.08
H LE1 A 11 4.60 0.19 0.06
H9 LE1 A 11 5.40 1.68 -3.25
H9A LE1 A 11 5.59 1.74 -1.50
H9B LE1 A 11 4.24 0.86 -2.21
H8 LE1 A 11 7.55 0.37 -3.90
H8A LE1 A 11 8.21 -0.63 -2.59
H8B LE1 A 11 7.88 1.09 -2.32
N ALA A 12 8.39 -0.75 0.01
CA ALA A 12 9.49 -0.19 0.79
C ALA A 12 10.82 -0.41 0.08
N NH2 A 13 11.72 0.54 0.08
HN1 NH2 A 13 11.53 1.38 0.54
HN2 NH2 A 13 12.58 0.39 -0.37
N ALA B 1 7.86 3.68 4.22
CA ALA B 1 7.08 2.87 3.25
C ALA B 1 5.68 3.46 3.10
O LE1 B 2 3.34 1.84 0.49
C LE1 B 2 2.89 2.79 1.13
CA LE1 B 2 3.79 3.90 1.62
N LE1 B 2 5.13 3.39 1.89
CB LE1 B 2 3.85 5.01 0.57
C9 LE1 B 2 4.39 4.43 -0.74
C8 LE1 B 2 2.43 5.55 0.34
SG LE1 B 2 4.92 6.35 1.12
HA LE1 B 2 3.38 4.31 2.53
H LE1 B 2 5.63 2.95 1.17
H9 LE1 B 2 3.62 4.46 -1.50
H9A LE1 B 2 4.70 3.40 -0.58
H9B LE1 B 2 5.24 5.01 -1.06
H8 LE1 B 2 1.88 4.86 -0.29
H8A LE1 B 2 2.49 6.51 -0.15
H8B LE1 B 2 1.93 5.65 1.29
N CYS B 3 1.61 2.89 1.45
CA CYS B 3 0.65 1.87 1.04
C CYS B 3 -0.46 2.50 0.20
N GLU B 4 -1.00 1.71 -0.73
CA GLU B 4 -2.07 2.19 -1.60
C GLU B 4 -3.28 1.26 -1.53
N CYS B 5 -4.46 1.83 -1.34
CA CYS B 5 -5.69 1.03 -1.28
C CYS B 5 -6.74 1.61 -2.21
N GLY B 6 -7.04 0.88 -3.27
CA GLY B 6 -8.02 1.33 -4.24
C GLY B 6 -7.61 2.68 -4.83
N PRO B 7 -8.52 3.58 -5.10
CA PRO B 7 -8.19 4.92 -5.67
C PRO B 7 -7.45 5.80 -4.66
N THR B 8 -7.54 5.46 -3.38
CA THR B 8 -6.89 6.24 -2.34
C THR B 8 -5.57 5.60 -1.93
N ARG B 9 -4.74 6.37 -1.24
CA ARG B 9 -3.44 5.88 -0.78
C ARG B 9 -3.00 6.61 0.49
N GLU B 10 -2.23 5.92 1.32
CA GLU B 10 -1.74 6.50 2.56
C GLU B 10 -0.33 6.00 2.87
N CYS B 11 0.48 6.86 3.48
CA CYS B 11 1.85 6.49 3.83
C CYS B 11 2.06 6.67 5.34
N LYS B 12 3.14 6.10 5.84
CA LYS B 12 3.46 6.21 7.26
C LYS B 12 4.84 5.61 7.54
N NH2 B 13 5.62 6.20 8.40
HN1 NH2 B 13 5.32 7.01 8.86
HN2 NH2 B 13 6.51 5.83 8.59
N GLU A 1 10.38 -5.43 -3.29
CA GLU A 1 10.37 -4.83 -1.94
C GLU A 1 8.96 -4.36 -1.61
N CYS A 2 7.98 -5.04 -2.18
CA CYS A 2 6.58 -4.70 -1.96
C CYS A 2 5.80 -5.90 -1.44
N ARG A 3 4.78 -5.61 -0.63
CA ARG A 3 3.92 -6.65 -0.08
C ARG A 3 2.46 -6.29 -0.35
N GLU A 4 1.64 -7.30 -0.62
CA GLU A 4 0.23 -7.04 -0.90
C GLU A 4 -0.68 -7.78 0.07
N TYR A 5 -1.51 -7.02 0.77
CA TYR A 5 -2.45 -7.60 1.72
C TYR A 5 -3.86 -7.16 1.38
N GLY A 6 -4.66 -8.06 0.83
CA GLY A 6 -6.02 -7.72 0.46
C GLY A 6 -6.03 -6.54 -0.54
N PRO A 7 -6.91 -5.57 -0.38
CA PRO A 7 -6.97 -4.40 -1.31
C PRO A 7 -5.81 -3.42 -1.14
O LE1 A 8 -2.33 -4.40 0.13
C LE1 A 8 -2.60 -3.23 -0.18
CA LE1 A 8 -3.96 -2.62 0.18
N LE1 A 8 -5.06 -3.55 -0.06
CB LE1 A 8 -3.95 -2.17 1.64
C9 LE1 A 8 -3.90 -3.40 2.57
C8 LE1 A 8 -2.73 -1.29 1.91
SG LE1 A 8 -5.46 -1.22 1.98
HA LE1 A 8 -4.09 -1.75 -0.44
H LE1 A 8 -5.24 -4.25 0.58
H9 LE1 A 8 -3.78 -3.07 3.59
H9A LE1 A 8 -3.06 -4.01 2.29
H9B LE1 A 8 -4.82 -3.95 2.47
H8 LE1 A 8 -2.60 -0.61 1.08
H8A LE1 A 8 -1.86 -1.91 2.01
H8B LE1 A 8 -2.88 -0.73 2.81
N LYS A 9 -1.76 -2.42 -0.81
CA LYS A 9 -0.42 -2.85 -1.21
C LYS A 9 0.61 -1.86 -0.68
O LE1 A 10 4.37 -2.81 -0.52
C LE1 A 10 4.00 -1.71 -0.17
CA LE1 A 10 2.67 -1.50 0.55
N LE1 A 10 1.64 -2.37 0.01
CB LE1 A 10 2.85 -1.78 2.04
C9 LE1 A 10 3.33 -3.21 2.25
C8 LE1 A 10 3.89 -0.81 2.61
SG LE1 A 10 1.28 -1.52 2.89
HA LE1 A 10 2.36 -0.48 0.43
H LE1 A 10 1.70 -3.34 0.13
H9 LE1 A 10 3.16 -3.78 1.34
H9A LE1 A 10 2.78 -3.66 3.06
H9B LE1 A 10 4.39 -3.21 2.48
H8 LE1 A 10 4.88 -1.20 2.43
H8A LE1 A 10 3.74 -0.69 3.67
H8B LE1 A 10 3.79 0.15 2.12
O LE1 A 11 6.75 1.26 0.24
C LE1 A 11 7.03 0.14 -0.21
CA LE1 A 11 6.02 -0.65 -1.02
N LE1 A 11 4.72 -0.61 -0.36
CB LE1 A 11 5.92 -0.06 -2.42
C9 LE1 A 11 5.03 1.17 -2.41
C8 LE1 A 11 7.33 0.33 -2.89
SG LE1 A 11 5.24 -1.30 -3.56
HA LE1 A 11 6.34 -1.68 -1.07
H LE1 A 11 4.37 0.26 -0.04
H9 LE1 A 11 4.03 0.89 -2.72
H9A LE1 A 11 5.42 1.91 -3.09
H9B LE1 A 11 4.99 1.58 -1.42
H8 LE1 A 11 7.32 0.47 -3.96
H8A LE1 A 11 8.03 -0.45 -2.63
H8B LE1 A 11 7.62 1.25 -2.41
N ALA A 12 8.21 -0.43 -0.02
CA ALA A 12 9.27 0.23 0.74
C ALA A 12 8.86 0.41 2.20
N NH2 A 13 8.13 -0.51 2.77
HN1 NH2 A 13 7.86 -1.31 2.26
HN2 NH2 A 13 7.86 -0.41 3.70
N ALA B 1 6.81 3.47 5.35
CA ALA B 1 6.40 2.82 4.07
C ALA B 1 5.10 3.45 3.59
O LE1 B 2 3.22 1.88 0.49
C LE1 B 2 2.76 2.79 1.18
CA LE1 B 2 3.65 3.92 1.69
N LE1 B 2 4.86 3.36 2.29
CB LE1 B 2 4.01 4.84 0.52
C9 LE1 B 2 4.71 4.03 -0.57
C8 LE1 B 2 2.72 5.44 -0.05
SG LE1 B 2 5.11 6.17 1.08
HA LE1 B 2 3.11 4.47 2.44
H LE1 B 2 5.51 2.88 1.71
H9 LE1 B 2 5.50 3.44 -0.13
H9A LE1 B 2 5.15 4.71 -1.30
H9B LE1 B 2 4.00 3.39 -1.07
H8 LE1 B 2 1.88 5.10 0.53
H8A LE1 B 2 2.60 5.13 -1.08
H8B LE1 B 2 2.78 6.52 -0.01
N CYS B 3 1.48 2.85 1.53
CA CYS B 3 0.54 1.83 1.11
C CYS B 3 -0.59 2.43 0.29
N GLU B 4 -1.02 1.73 -0.75
CA GLU B 4 -2.10 2.21 -1.60
C GLU B 4 -3.33 1.34 -1.43
N CYS B 5 -4.47 1.95 -1.14
CA CYS B 5 -5.71 1.21 -0.98
C CYS B 5 -6.76 1.76 -1.92
N GLY B 6 -7.21 0.92 -2.86
CA GLY B 6 -8.21 1.35 -3.81
C GLY B 6 -7.71 2.56 -4.62
N PRO B 7 -8.55 3.52 -4.90
CA PRO B 7 -8.16 4.74 -5.68
C PRO B 7 -7.27 5.71 -4.90
N THR B 8 -7.11 5.46 -3.60
CA THR B 8 -6.30 6.36 -2.77
C THR B 8 -5.09 5.66 -2.18
N ARG B 9 -4.28 6.43 -1.46
CA ARG B 9 -3.07 5.91 -0.83
C ARG B 9 -2.68 6.72 0.39
N GLU B 10 -1.98 6.08 1.32
CA GLU B 10 -1.53 6.75 2.54
C GLU B 10 -0.13 6.27 2.92
N CYS B 11 0.67 7.17 3.47
CA CYS B 11 2.03 6.83 3.87
C CYS B 11 2.31 7.35 5.27
N LYS B 12 3.39 6.88 5.87
CA LYS B 12 3.76 7.32 7.21
C LYS B 12 5.24 7.03 7.47
N NH2 B 13 5.96 7.93 8.07
HN1 NH2 B 13 5.56 8.78 8.35
HN2 NH2 B 13 6.92 7.76 8.24
#